data_4XCA
#
_entry.id   4XCA
#
_cell.length_a   53.399
_cell.length_b   112.044
_cell.length_c   177.803
_cell.angle_alpha   90.000
_cell.angle_beta   90.000
_cell.angle_gamma   90.000
#
_symmetry.space_group_name_H-M   'P 21 21 21'
#
loop_
_entity.id
_entity.type
_entity.pdbx_description
1 polymer oxidase/hydroxylase
2 non-polymer 'NICKEL (II) ION'
3 non-polymer '2-OXOGLUTARIC ACID'
4 non-polymer 2-AMINO-2-HYDROXYMETHYL-PROPANE-1,3-DIOL
5 non-polymer 'CESIUM ION'
6 water water
#
_entity_poly.entity_id   1
_entity_poly.type   'polypeptide(L)'
_entity_poly.pdbx_seq_one_letter_code
;VPALTREQLYIFDTTGFLVIPGVFGSGEVESFRSELERLDTVDPGFPRTRRYPDLPAASPVFARLALDDRLLAPVRDVVN
QPLRLLEGYGLRRTKDSVLYLHGGNSELLDLGDRQVGRDLSITHTYHDGKLYCPYVKALVYLSDIQSPEDGSFCYVQGSH
KANFPLLRERAERGENTSLVDSGFPTLSDVFVRSGDVLLLNEALMHGTRRKLTEGDRLLTAFGYGPTFFTEWRELDAETA
DLRGAGYVDHDVEEDFVL
;
_entity_poly.pdbx_strand_id   A,B,C,D
#
loop_
_chem_comp.id
_chem_comp.type
_chem_comp.name
_chem_comp.formula
AKG non-polymer '2-OXOGLUTARIC ACID' 'C5 H6 O5'
CS non-polymer 'CESIUM ION' 'Cs 1'
NI non-polymer 'NICKEL (II) ION' 'Ni 2'
TRS non-polymer 2-AMINO-2-HYDROXYMETHYL-PROPANE-1,3-DIOL 'C4 H12 N O3 1'
#
# COMPACT_ATOMS: atom_id res chain seq x y z
N PRO A 2 14.79 -24.32 11.67
CA PRO A 2 13.37 -23.99 11.74
C PRO A 2 13.03 -22.64 11.11
N ALA A 3 11.74 -22.43 10.86
CA ALA A 3 11.25 -21.21 10.25
C ALA A 3 11.10 -20.11 11.29
N LEU A 4 10.93 -18.88 10.80
CA LEU A 4 10.76 -17.75 11.68
C LEU A 4 9.45 -17.89 12.46
N THR A 5 9.49 -17.61 13.75
CA THR A 5 8.28 -17.62 14.57
C THR A 5 7.40 -16.41 14.22
N ARG A 6 6.18 -16.39 14.74
CA ARG A 6 5.29 -15.24 14.56
C ARG A 6 5.87 -13.95 15.12
N GLU A 7 6.56 -14.06 16.26
CA GLU A 7 7.09 -12.88 16.90
C GLU A 7 8.26 -12.32 16.06
N GLN A 8 9.07 -13.21 15.49
CA GLN A 8 10.21 -12.80 14.68
C GLN A 8 9.76 -12.09 13.40
N LEU A 9 8.69 -12.59 12.79
CA LEU A 9 8.14 -11.97 11.61
C LEU A 9 7.59 -10.59 11.96
N TYR A 10 6.90 -10.51 13.10
CA TYR A 10 6.35 -9.24 13.58
C TYR A 10 7.47 -8.22 13.71
N ILE A 11 8.57 -8.66 14.32
CA ILE A 11 9.70 -7.77 14.56
C ILE A 11 10.38 -7.35 13.24
N PHE A 12 10.61 -8.31 12.34
CA PHE A 12 11.26 -7.98 11.07
C PHE A 12 10.38 -7.00 10.29
N ASP A 13 9.08 -7.27 10.27
CA ASP A 13 8.10 -6.37 9.62
C ASP A 13 8.16 -4.94 10.16
N THR A 14 8.11 -4.83 11.48
CA THR A 14 7.96 -3.53 12.12
C THR A 14 9.29 -2.78 12.24
N THR A 15 10.40 -3.49 12.32
CA THR A 15 11.69 -2.82 12.50
C THR A 15 12.60 -2.85 11.24
N GLY A 16 12.33 -3.75 10.30
CA GLY A 16 13.10 -3.80 9.06
C GLY A 16 14.35 -4.66 9.16
N PHE A 17 14.53 -5.26 10.33
CA PHE A 17 15.63 -6.22 10.51
C PHE A 17 15.34 -7.22 11.62
N LEU A 18 16.20 -8.22 11.75
CA LEU A 18 16.05 -9.21 12.81
C LEU A 18 17.43 -9.78 13.18
N VAL A 19 17.77 -9.73 14.47
CA VAL A 19 18.96 -10.43 14.95
C VAL A 19 18.56 -11.86 15.39
N ILE A 20 19.08 -12.87 14.72
CA ILE A 20 18.91 -14.25 15.15
C ILE A 20 20.19 -14.68 15.88
N PRO A 21 20.10 -14.88 17.20
CA PRO A 21 21.32 -15.09 17.99
C PRO A 21 21.86 -16.51 17.85
N GLY A 22 23.19 -16.62 17.95
CA GLY A 22 23.85 -17.91 18.00
C GLY A 22 23.57 -18.87 16.86
N VAL A 23 23.38 -18.38 15.64
CA VAL A 23 23.06 -19.28 14.53
C VAL A 23 24.22 -20.22 14.25
N PHE A 24 25.43 -19.68 14.30
CA PHE A 24 26.60 -20.49 14.05
C PHE A 24 27.43 -20.63 15.32
N GLY A 25 27.87 -21.85 15.59
CA GLY A 25 28.57 -22.14 16.81
C GLY A 25 29.97 -21.58 16.83
N SER A 26 30.58 -21.61 18.01
CA SER A 26 31.97 -21.22 18.23
C SER A 26 32.94 -21.81 17.21
N GLY A 27 32.75 -23.09 16.87
CA GLY A 27 33.67 -23.74 15.95
C GLY A 27 33.50 -23.28 14.51
N GLU A 28 32.26 -23.17 14.04
CA GLU A 28 31.98 -22.67 12.70
C GLU A 28 32.50 -21.26 12.51
N VAL A 29 32.28 -20.41 13.50
CA VAL A 29 32.80 -19.04 13.49
C VAL A 29 34.32 -19.02 13.33
N GLU A 30 35.04 -19.84 14.10
CA GLU A 30 36.49 -19.92 13.97
C GLU A 30 36.89 -20.37 12.57
N SER A 31 36.14 -21.32 12.03
CA SER A 31 36.37 -21.80 10.67
C SER A 31 36.18 -20.69 9.62
N PHE A 32 35.24 -19.78 9.86
CA PHE A 32 34.97 -18.70 8.92
C PHE A 32 36.08 -17.66 8.96
N ARG A 33 36.54 -17.36 10.17
CA ARG A 33 37.66 -16.43 10.37
C ARG A 33 38.93 -16.97 9.73
N SER A 34 39.19 -18.25 9.94
CA SER A 34 40.44 -18.84 9.45
C SER A 34 40.44 -18.89 7.93
N GLU A 35 39.25 -19.03 7.33
CA GLU A 35 39.14 -19.08 5.89
C GLU A 35 39.40 -17.69 5.28
N LEU A 36 38.97 -16.63 5.99
CA LEU A 36 39.31 -15.28 5.57
C LEU A 36 40.82 -15.02 5.72
N GLU A 37 41.43 -15.57 6.76
CA GLU A 37 42.87 -15.45 6.95
C GLU A 37 43.64 -16.15 5.82
N ARG A 38 43.14 -17.31 5.40
CA ARG A 38 43.74 -18.04 4.28
C ARG A 38 43.67 -17.24 2.98
N LEU A 39 42.55 -16.54 2.76
CA LEU A 39 42.39 -15.70 1.58
C LEU A 39 43.38 -14.54 1.58
N ASP A 40 43.70 -14.01 2.76
CA ASP A 40 44.74 -12.99 2.90
C ASP A 40 46.13 -13.49 2.52
N THR A 41 46.36 -14.79 2.73
CA THR A 41 47.65 -15.42 2.48
C THR A 41 47.86 -15.71 1.01
N VAL A 42 46.82 -16.23 0.37
CA VAL A 42 46.83 -16.50 -1.05
C VAL A 42 47.18 -15.25 -1.87
N ASP A 43 46.48 -14.15 -1.61
CA ASP A 43 46.70 -12.89 -2.31
C ASP A 43 47.03 -11.77 -1.33
N PRO A 44 48.31 -11.62 -0.97
CA PRO A 44 48.73 -10.63 0.01
C PRO A 44 48.70 -9.21 -0.55
N GLY A 45 48.85 -8.23 0.33
CA GLY A 45 49.05 -6.85 -0.07
C GLY A 45 47.81 -6.00 -0.16
N PHE A 46 46.74 -6.42 0.51
CA PHE A 46 45.53 -5.62 0.57
C PHE A 46 45.63 -4.59 1.71
N PRO A 47 44.79 -3.54 1.69
CA PRO A 47 44.76 -2.64 2.85
C PRO A 47 44.16 -3.37 4.05
N ARG A 48 44.45 -2.91 5.27
CA ARG A 48 44.03 -3.65 6.45
C ARG A 48 42.53 -3.57 6.64
N THR A 49 41.94 -2.44 6.27
CA THR A 49 40.50 -2.37 6.01
C THR A 49 40.23 -2.77 4.57
N ARG A 50 39.54 -3.90 4.37
CA ARG A 50 39.28 -4.38 3.01
C ARG A 50 37.94 -5.10 2.85
N ARG A 51 37.57 -5.29 1.59
CA ARG A 51 36.40 -6.06 1.22
C ARG A 51 36.86 -7.39 0.60
N TYR A 52 36.12 -8.48 0.84
CA TYR A 52 36.39 -9.76 0.18
C TYR A 52 35.30 -10.08 -0.83
N PRO A 53 35.46 -9.62 -2.08
CA PRO A 53 34.38 -9.73 -3.07
C PRO A 53 34.13 -11.19 -3.47
N ASP A 54 32.88 -11.51 -3.80
CA ASP A 54 32.49 -12.83 -4.31
C ASP A 54 33.08 -14.01 -3.53
N LEU A 55 32.78 -14.06 -2.23
CA LEU A 55 33.28 -15.13 -1.37
C LEU A 55 32.94 -16.56 -1.81
N PRO A 56 31.69 -16.86 -2.23
CA PRO A 56 31.42 -18.23 -2.69
C PRO A 56 32.33 -18.72 -3.80
N ALA A 57 32.82 -17.83 -4.69
CA ALA A 57 33.75 -18.25 -5.73
C ALA A 57 35.15 -18.44 -5.17
N ALA A 58 35.51 -17.63 -4.17
CA ALA A 58 36.88 -17.65 -3.63
C ALA A 58 37.11 -18.80 -2.66
N SER A 59 36.02 -19.36 -2.14
CA SER A 59 36.10 -20.32 -1.07
C SER A 59 34.89 -21.25 -0.99
N PRO A 60 35.15 -22.56 -1.08
CA PRO A 60 34.04 -23.52 -0.99
C PRO A 60 33.38 -23.50 0.39
N VAL A 61 34.11 -23.06 1.42
CA VAL A 61 33.52 -22.90 2.75
C VAL A 61 32.41 -21.85 2.70
N PHE A 62 32.64 -20.74 2.01
CA PHE A 62 31.65 -19.69 1.96
C PHE A 62 30.58 -19.99 0.92
N ALA A 63 30.92 -20.84 -0.05
CA ALA A 63 29.91 -21.27 -1.02
C ALA A 63 28.84 -22.09 -0.31
N ARG A 64 29.26 -22.90 0.67
CA ARG A 64 28.30 -23.67 1.48
C ARG A 64 27.50 -22.78 2.43
N LEU A 65 28.17 -21.85 3.11
CA LEU A 65 27.49 -20.89 3.97
C LEU A 65 26.40 -20.11 3.20
N ALA A 66 26.65 -19.75 1.94
CA ALA A 66 25.66 -19.02 1.14
C ALA A 66 24.40 -19.84 0.93
N LEU A 67 24.53 -21.15 0.92
CA LEU A 67 23.38 -22.04 0.74
C LEU A 67 22.92 -22.72 2.04
N ASP A 68 23.57 -22.39 3.16
CA ASP A 68 23.23 -22.99 4.46
C ASP A 68 21.75 -22.69 4.79
N ASP A 69 21.02 -23.72 5.22
CA ASP A 69 19.58 -23.59 5.49
C ASP A 69 19.28 -22.65 6.65
N ARG A 70 20.29 -22.44 7.50
CA ARG A 70 20.18 -21.50 8.59
C ARG A 70 20.08 -20.05 8.11
N LEU A 71 20.54 -19.79 6.89
CA LEU A 71 20.33 -18.49 6.27
C LEU A 71 19.09 -18.51 5.38
N LEU A 72 18.92 -19.58 4.60
CA LEU A 72 17.91 -19.62 3.54
C LEU A 72 16.49 -19.67 4.08
N ALA A 73 16.28 -20.41 5.16
CA ALA A 73 14.94 -20.50 5.74
C ALA A 73 14.43 -19.13 6.25
N PRO A 74 15.22 -18.41 7.07
CA PRO A 74 14.70 -17.07 7.41
C PRO A 74 14.61 -16.12 6.21
N VAL A 75 15.52 -16.26 5.25
CA VAL A 75 15.50 -15.41 4.07
C VAL A 75 14.26 -15.67 3.19
N ARG A 76 13.88 -16.93 3.03
CA ARG A 76 12.71 -17.27 2.25
C ARG A 76 11.44 -16.69 2.86
N ASP A 77 11.45 -16.61 4.19
CA ASP A 77 10.28 -16.17 4.95
C ASP A 77 9.98 -14.70 4.82
N VAL A 78 10.95 -13.91 4.35
CA VAL A 78 10.74 -12.48 4.20
C VAL A 78 10.81 -12.07 2.73
N VAL A 79 11.32 -12.97 1.88
CA VAL A 79 11.38 -12.71 0.45
C VAL A 79 10.18 -13.32 -0.25
N ASN A 80 9.88 -14.58 0.09
CA ASN A 80 8.76 -15.32 -0.50
C ASN A 80 8.65 -15.25 -2.05
N GLN A 81 9.78 -15.45 -2.72
CA GLN A 81 9.87 -15.54 -4.18
C GLN A 81 10.91 -16.60 -4.53
N PRO A 82 10.82 -17.20 -5.73
CA PRO A 82 11.96 -17.96 -6.27
C PRO A 82 13.25 -17.20 -6.00
N LEU A 83 14.18 -17.87 -5.35
CA LEU A 83 15.29 -17.19 -4.70
C LEU A 83 16.59 -17.26 -5.48
N ARG A 84 17.36 -16.18 -5.41
CA ARG A 84 18.64 -16.11 -6.08
C ARG A 84 19.69 -15.44 -5.17
N LEU A 85 20.90 -15.98 -5.13
CA LEU A 85 22.02 -15.33 -4.43
C LEU A 85 22.52 -14.11 -5.22
N LEU A 86 22.33 -12.92 -4.67
CA LEU A 86 22.63 -11.71 -5.42
C LEU A 86 24.08 -11.25 -5.22
N GLU A 87 24.62 -11.54 -4.03
CA GLU A 87 26.01 -11.21 -3.70
C GLU A 87 26.42 -11.97 -2.45
N GLY A 88 27.73 -12.09 -2.24
CA GLY A 88 28.29 -12.70 -1.05
C GLY A 88 29.70 -12.19 -0.85
N TYR A 89 29.93 -11.42 0.23
CA TYR A 89 31.24 -10.77 0.39
C TYR A 89 31.61 -10.71 1.88
N GLY A 90 32.88 -10.46 2.15
CA GLY A 90 33.35 -10.34 3.52
C GLY A 90 33.81 -8.92 3.77
N LEU A 91 33.74 -8.50 5.03
CA LEU A 91 34.20 -7.16 5.42
C LEU A 91 35.14 -7.28 6.62
N ARG A 92 36.36 -6.78 6.45
CA ARG A 92 37.28 -6.60 7.57
C ARG A 92 37.47 -5.12 7.83
N ARG A 93 37.26 -4.71 9.07
CA ARG A 93 37.42 -3.30 9.41
C ARG A 93 38.30 -3.07 10.64
N THR A 94 39.06 -1.99 10.60
CA THR A 94 39.95 -1.64 11.69
C THR A 94 39.58 -0.26 12.25
N LYS A 95 40.43 0.23 13.14
CA LYS A 95 40.27 1.51 13.81
C LYS A 95 40.11 2.65 12.81
N ASP A 96 39.15 3.54 13.09
CA ASP A 96 38.88 4.78 12.34
C ASP A 96 38.15 4.55 11.03
N SER A 97 37.60 3.37 10.84
CA SER A 97 36.73 3.14 9.68
C SER A 97 35.28 3.42 10.07
N VAL A 98 34.45 3.71 9.08
CA VAL A 98 33.08 4.07 9.33
C VAL A 98 32.27 3.63 8.10
N LEU A 99 30.95 3.58 8.24
CA LEU A 99 30.07 3.32 7.12
C LEU A 99 28.88 4.25 7.24
N TYR A 100 28.79 5.22 6.34
CA TYR A 100 27.74 6.21 6.44
C TYR A 100 26.39 5.61 6.03
N LEU A 101 25.32 6.33 6.36
CA LEU A 101 23.97 5.82 6.12
C LEU A 101 23.66 5.63 4.64
N HIS A 102 23.07 4.49 4.33
CA HIS A 102 22.60 4.18 2.99
C HIS A 102 21.29 3.39 3.10
N GLY A 103 20.52 3.34 2.03
CA GLY A 103 19.22 2.69 2.08
C GLY A 103 18.15 3.71 2.40
N GLY A 104 16.98 3.26 2.85
CA GLY A 104 15.91 4.19 3.15
C GLY A 104 14.89 4.22 2.03
N ASN A 105 13.63 4.10 2.39
CA ASN A 105 12.57 3.74 1.46
C ASN A 105 12.20 4.79 0.42
N SER A 106 12.31 6.07 0.79
CA SER A 106 11.85 7.14 -0.10
C SER A 106 12.94 8.17 -0.41
N GLU A 107 14.20 7.78 -0.35
CA GLU A 107 15.26 8.70 -0.74
C GLU A 107 15.16 9.02 -2.24
N LEU A 108 15.61 10.21 -2.63
CA LEU A 108 15.46 10.63 -4.02
C LEU A 108 16.61 10.17 -4.92
N LEU A 109 16.31 10.09 -6.21
CA LEU A 109 17.33 9.91 -7.24
C LEU A 109 17.01 10.83 -8.42
N ASP A 110 18.01 11.59 -8.87
CA ASP A 110 17.82 12.41 -10.07
C ASP A 110 17.96 11.56 -11.31
N LEU A 111 16.86 11.44 -12.03
CA LEU A 111 16.77 10.56 -13.18
C LEU A 111 16.81 11.39 -14.44
N GLY A 112 17.88 12.15 -14.62
CA GLY A 112 18.02 12.97 -15.82
C GLY A 112 17.00 14.09 -15.96
N ASP A 113 15.79 13.75 -16.41
CA ASP A 113 14.78 14.76 -16.70
C ASP A 113 13.73 14.83 -15.61
N ARG A 114 13.97 14.10 -14.53
CA ARG A 114 12.99 13.94 -13.47
C ARG A 114 13.65 13.38 -12.21
N GLN A 115 12.98 13.55 -11.08
CA GLN A 115 13.50 13.03 -9.84
C GLN A 115 12.51 12.03 -9.21
N VAL A 116 13.01 10.87 -8.80
CA VAL A 116 12.11 9.79 -8.41
C VAL A 116 12.39 9.42 -6.96
N GLY A 117 11.35 8.97 -6.27
CA GLY A 117 11.42 8.70 -4.85
C GLY A 117 11.09 7.27 -4.46
N ARG A 118 11.06 6.37 -5.45
CA ARG A 118 10.99 4.93 -5.19
C ARG A 118 12.15 4.23 -5.87
N ASP A 119 12.68 3.22 -5.16
CA ASP A 119 13.69 2.32 -5.68
C ASP A 119 13.08 0.91 -5.68
N LEU A 120 12.73 0.41 -6.86
CA LEU A 120 11.99 -0.84 -6.94
C LEU A 120 12.84 -2.08 -6.60
N SER A 121 14.13 -1.89 -6.31
CA SER A 121 14.96 -3.01 -5.90
C SER A 121 14.83 -3.28 -4.40
N ILE A 122 14.27 -2.32 -3.66
CA ILE A 122 14.04 -2.47 -2.21
C ILE A 122 12.60 -2.17 -1.79
N THR A 123 11.73 -1.91 -2.76
CA THR A 123 10.33 -1.63 -2.47
C THR A 123 9.63 -2.95 -2.16
N HIS A 124 9.13 -3.05 -0.94
CA HIS A 124 8.61 -4.30 -0.40
C HIS A 124 7.13 -4.15 -0.08
N THR A 125 6.46 -5.27 0.12
CA THR A 125 5.04 -5.21 0.40
C THR A 125 4.64 -6.39 1.28
N TYR A 126 3.34 -6.52 1.55
CA TYR A 126 2.83 -7.60 2.37
C TYR A 126 1.53 -8.04 1.75
N HIS A 127 1.25 -9.34 1.78
CA HIS A 127 0.06 -9.86 1.13
C HIS A 127 -0.32 -11.22 1.69
N ASP A 128 -1.57 -11.32 2.18
CA ASP A 128 -2.15 -12.58 2.62
C ASP A 128 -1.20 -13.38 3.54
N GLY A 129 -0.83 -12.77 4.65
CA GLY A 129 -0.01 -13.47 5.62
C GLY A 129 1.49 -13.55 5.35
N LYS A 130 1.97 -12.88 4.30
CA LYS A 130 3.40 -12.96 3.92
C LYS A 130 4.08 -11.63 3.58
N LEU A 131 5.31 -11.50 4.07
CA LEU A 131 6.17 -10.40 3.65
C LEU A 131 6.74 -10.69 2.26
N TYR A 132 6.88 -9.64 1.46
CA TYR A 132 7.59 -9.75 0.18
C TYR A 132 8.63 -8.66 0.07
N CYS A 133 9.86 -8.97 0.43
CA CYS A 133 10.94 -8.01 0.38
C CYS A 133 11.91 -8.49 -0.67
N PRO A 134 12.07 -7.69 -1.75
CA PRO A 134 12.87 -8.06 -2.92
C PRO A 134 14.38 -8.12 -2.67
N TYR A 135 14.89 -7.36 -1.72
CA TYR A 135 16.32 -7.41 -1.45
C TYR A 135 16.59 -7.49 0.05
N VAL A 136 17.01 -8.66 0.52
CA VAL A 136 17.38 -8.80 1.91
C VAL A 136 18.82 -9.28 2.01
N LYS A 137 19.43 -9.02 3.15
CA LYS A 137 20.81 -9.35 3.37
C LYS A 137 20.93 -10.09 4.70
N ALA A 138 21.69 -11.18 4.71
CA ALA A 138 22.00 -11.89 5.93
C ALA A 138 23.45 -11.61 6.30
N LEU A 139 23.64 -10.84 7.36
CA LEU A 139 24.96 -10.50 7.87
C LEU A 139 25.37 -11.49 8.94
N VAL A 140 26.45 -12.21 8.69
CA VAL A 140 26.98 -13.17 9.64
C VAL A 140 28.19 -12.58 10.33
N TYR A 141 28.00 -12.13 11.56
CA TYR A 141 29.08 -11.50 12.30
C TYR A 141 30.09 -12.54 12.77
N LEU A 142 31.36 -12.17 12.68
CA LEU A 142 32.45 -13.06 13.04
C LEU A 142 33.22 -12.48 14.20
N SER A 143 32.80 -11.31 14.68
CA SER A 143 33.38 -10.76 15.91
C SER A 143 32.29 -10.09 16.75
N ASP A 144 32.58 -9.91 18.04
CA ASP A 144 31.62 -9.25 18.94
C ASP A 144 31.64 -7.73 18.71
N ILE A 145 30.45 -7.16 18.71
CA ILE A 145 30.30 -5.73 18.59
C ILE A 145 29.28 -5.32 19.63
N GLN A 146 29.81 -4.86 20.76
CA GLN A 146 29.02 -4.70 21.98
C GLN A 146 29.02 -3.27 22.48
N SER A 147 29.57 -2.36 21.68
CA SER A 147 29.59 -0.96 22.06
C SER A 147 29.58 -0.11 20.80
N PRO A 148 29.09 1.13 20.90
CA PRO A 148 29.08 1.99 19.71
C PRO A 148 30.49 2.27 19.16
N GLU A 149 31.48 2.44 20.03
CA GLU A 149 32.83 2.69 19.55
C GLU A 149 33.51 1.46 18.95
N ASP A 150 32.87 0.28 19.05
CA ASP A 150 33.31 -0.91 18.31
C ASP A 150 32.82 -0.87 16.85
N GLY A 151 32.12 0.20 16.48
CA GLY A 151 31.57 0.33 15.14
C GLY A 151 30.25 -0.42 14.96
N SER A 152 29.33 -0.23 15.89
CA SER A 152 28.07 -0.96 15.87
C SER A 152 27.16 -0.55 14.73
N PHE A 153 26.56 -1.55 14.10
CA PHE A 153 25.45 -1.36 13.17
C PHE A 153 24.45 -0.41 13.79
N CYS A 154 24.05 0.59 13.01
CA CYS A 154 23.06 1.53 13.48
C CYS A 154 22.08 1.78 12.36
N TYR A 155 20.86 2.18 12.71
CA TYR A 155 19.76 2.28 11.74
C TYR A 155 18.77 3.36 12.19
N VAL A 156 18.07 3.92 11.21
CA VAL A 156 17.03 4.92 11.47
C VAL A 156 15.70 4.20 11.60
N GLN A 157 15.11 4.31 12.78
CA GLN A 157 13.85 3.64 13.10
C GLN A 157 12.77 3.86 12.06
N GLY A 158 12.16 2.76 11.60
CA GLY A 158 11.04 2.84 10.69
C GLY A 158 11.37 3.36 9.29
N SER A 159 12.65 3.54 9.00
CA SER A 159 13.08 4.10 7.72
C SER A 159 12.83 3.15 6.54
N HIS A 160 12.61 1.87 6.81
CA HIS A 160 12.29 0.92 5.75
C HIS A 160 10.90 1.14 5.19
N LYS A 161 10.05 1.84 5.94
CA LYS A 161 8.73 2.18 5.44
C LYS A 161 8.48 3.69 5.37
N ALA A 162 9.53 4.49 5.38
CA ALA A 162 9.38 5.95 5.31
C ALA A 162 8.74 6.40 3.99
N ASN A 163 7.89 7.43 4.06
CA ASN A 163 7.30 8.00 2.85
C ASN A 163 7.95 9.31 2.45
N PHE A 164 8.75 9.87 3.35
CA PHE A 164 9.45 11.13 3.11
C PHE A 164 10.95 10.88 2.93
N PRO A 165 11.61 11.66 2.05
CA PRO A 165 13.07 11.58 1.96
C PRO A 165 13.76 12.29 3.13
N LEU A 166 14.80 11.68 3.66
CA LEU A 166 15.55 12.27 4.76
C LEU A 166 16.81 13.01 4.31
N LEU A 167 17.57 12.43 3.38
CA LEU A 167 18.92 12.92 3.07
C LEU A 167 19.02 14.05 2.04
N ARG A 168 18.07 14.16 1.12
CA ARG A 168 18.10 15.27 0.15
C ARG A 168 18.05 16.64 0.83
N GLU A 169 17.17 16.77 1.82
CA GLU A 169 17.04 18.01 2.58
C GLU A 169 18.36 18.36 3.27
N ARG A 170 19.01 17.35 3.83
CA ARG A 170 20.29 17.53 4.51
C ARG A 170 21.41 17.98 3.56
N ALA A 171 21.43 17.44 2.35
CA ALA A 171 22.49 17.79 1.41
C ALA A 171 22.34 19.24 0.92
N GLU A 172 21.11 19.64 0.66
CA GLU A 172 20.85 20.97 0.11
C GLU A 172 20.86 22.04 1.20
N ARG A 173 20.95 21.59 2.45
CA ARG A 173 20.99 22.46 3.62
C ARG A 173 22.43 22.89 3.87
N GLY A 174 23.37 22.11 3.35
CA GLY A 174 24.77 22.40 3.53
C GLY A 174 25.46 21.44 4.48
N GLU A 175 24.69 20.47 4.99
CA GLU A 175 25.25 19.46 5.87
C GLU A 175 26.42 18.72 5.22
N ASN A 176 27.42 18.39 6.03
CA ASN A 176 28.60 17.70 5.51
C ASN A 176 29.11 16.66 6.50
N THR A 177 28.35 16.41 7.56
CA THR A 177 28.68 15.36 8.52
C THR A 177 27.60 14.28 8.54
N SER A 178 28.01 13.06 8.87
CA SER A 178 27.08 11.93 8.93
C SER A 178 26.28 11.91 10.21
N LEU A 179 25.03 11.46 10.10
CA LEU A 179 24.19 11.22 11.27
C LEU A 179 24.79 10.16 12.20
N VAL A 180 25.61 9.23 11.69
CA VAL A 180 26.19 8.22 12.59
C VAL A 180 27.19 8.90 13.55
N ASP A 181 27.67 10.09 13.18
CA ASP A 181 28.53 10.90 14.05
C ASP A 181 27.73 11.98 14.78
N SER A 182 26.84 12.67 14.07
CA SER A 182 26.09 13.77 14.66
C SER A 182 25.05 13.31 15.65
N GLY A 183 24.40 12.19 15.34
CA GLY A 183 23.26 11.69 16.10
C GLY A 183 21.98 12.08 15.39
N PHE A 184 20.90 11.40 15.73
CA PHE A 184 19.60 11.68 15.15
C PHE A 184 18.58 11.10 16.14
N PRO A 185 17.43 11.77 16.31
CA PRO A 185 16.58 11.34 17.44
C PRO A 185 16.11 9.89 17.33
N THR A 186 16.09 9.31 16.14
CA THR A 186 15.65 7.91 16.03
C THR A 186 16.73 6.96 15.49
N LEU A 187 17.99 7.38 15.57
CA LEU A 187 19.11 6.49 15.21
C LEU A 187 19.51 5.59 16.37
N SER A 188 19.44 4.27 16.16
CA SER A 188 19.66 3.31 17.23
C SER A 188 20.77 2.36 16.86
N ASP A 189 21.40 1.77 17.87
CA ASP A 189 22.47 0.82 17.65
C ASP A 189 22.00 -0.60 17.87
N VAL A 190 22.65 -1.54 17.18
CA VAL A 190 22.43 -2.96 17.42
C VAL A 190 23.73 -3.63 17.85
N PHE A 191 23.70 -4.36 18.96
CA PHE A 191 24.85 -5.10 19.43
C PHE A 191 24.69 -6.56 19.09
N VAL A 192 25.79 -7.22 18.77
CA VAL A 192 25.77 -8.60 18.31
C VAL A 192 26.95 -9.40 18.84
N ARG A 193 26.82 -10.72 18.82
CA ARG A 193 27.94 -11.63 19.13
C ARG A 193 28.40 -12.33 17.85
N SER A 194 29.59 -12.92 17.90
CA SER A 194 30.05 -13.86 16.91
C SER A 194 29.04 -14.96 16.71
N GLY A 195 28.65 -15.21 15.47
CA GLY A 195 27.72 -16.28 15.17
C GLY A 195 26.29 -15.79 15.08
N ASP A 196 26.05 -14.53 15.44
CA ASP A 196 24.74 -13.93 15.24
C ASP A 196 24.51 -13.61 13.74
N VAL A 197 23.26 -13.76 13.29
CA VAL A 197 22.86 -13.30 11.99
C VAL A 197 21.98 -12.07 12.16
N LEU A 198 22.31 -11.00 11.44
CA LEU A 198 21.42 -9.86 11.34
C LEU A 198 20.75 -9.96 9.97
N LEU A 199 19.47 -10.31 9.97
CA LEU A 199 18.67 -10.41 8.76
C LEU A 199 18.08 -9.04 8.44
N LEU A 200 18.41 -8.50 7.27
CA LEU A 200 18.19 -7.08 6.99
C LEU A 200 17.35 -6.83 5.75
N ASN A 201 16.27 -6.06 5.91
CA ASN A 201 15.53 -5.47 4.80
C ASN A 201 16.37 -4.31 4.27
N GLU A 202 16.87 -4.44 3.05
CA GLU A 202 17.77 -3.44 2.51
C GLU A 202 17.06 -2.11 2.24
N ALA A 203 15.74 -2.08 2.41
CA ALA A 203 15.00 -0.81 2.41
C ALA A 203 15.37 0.03 3.62
N LEU A 204 15.85 -0.61 4.68
CA LEU A 204 16.15 0.10 5.92
C LEU A 204 17.33 1.05 5.71
N MET A 205 17.21 2.28 6.21
CA MET A 205 18.35 3.20 6.22
C MET A 205 19.27 2.81 7.37
N HIS A 206 20.53 2.50 7.05
CA HIS A 206 21.43 1.87 8.02
C HIS A 206 22.88 2.17 7.68
N GLY A 207 23.77 1.86 8.61
CA GLY A 207 25.18 2.12 8.47
C GLY A 207 25.84 1.56 9.72
N THR A 208 27.05 2.03 10.03
CA THR A 208 27.66 1.68 11.32
C THR A 208 28.30 2.93 11.92
N ARG A 209 28.48 2.93 13.24
CA ARG A 209 29.30 3.93 13.91
C ARG A 209 30.77 3.88 13.47
N ARG A 210 31.45 4.99 13.71
CA ARG A 210 32.90 5.04 13.55
C ARG A 210 33.57 4.08 14.54
N LYS A 211 34.39 3.15 14.04
CA LYS A 211 35.13 2.24 14.91
C LYS A 211 36.36 2.92 15.50
N LEU A 212 36.43 2.98 16.82
CA LEU A 212 37.47 3.70 17.55
C LEU A 212 38.43 2.76 18.26
N THR A 213 37.94 1.60 18.64
CA THR A 213 38.73 0.60 19.37
C THR A 213 39.66 -0.16 18.42
N GLU A 214 40.71 -0.77 18.97
CA GLU A 214 41.63 -1.58 18.17
C GLU A 214 41.03 -2.97 17.95
N GLY A 215 41.58 -3.73 17.01
CA GLY A 215 41.09 -5.06 16.73
C GLY A 215 40.33 -5.13 15.42
N ASP A 216 40.24 -6.31 14.82
CA ASP A 216 39.57 -6.46 13.53
C ASP A 216 38.08 -6.78 13.70
N ARG A 217 37.24 -5.90 13.17
CA ARG A 217 35.80 -6.09 13.11
C ARG A 217 35.47 -6.90 11.85
N LEU A 218 34.78 -8.04 12.00
CA LEU A 218 34.64 -8.99 10.88
C LEU A 218 33.23 -9.53 10.62
N LEU A 219 32.85 -9.57 9.35
CA LEU A 219 31.60 -10.22 8.97
C LEU A 219 31.61 -10.74 7.53
N THR A 220 30.65 -11.61 7.24
CA THR A 220 30.35 -12.02 5.89
C THR A 220 28.89 -11.64 5.62
N ALA A 221 28.64 -11.14 4.42
CA ALA A 221 27.33 -10.65 4.02
C ALA A 221 26.84 -11.38 2.80
N PHE A 222 25.59 -11.86 2.86
CA PHE A 222 24.99 -12.54 1.73
C PHE A 222 23.68 -11.87 1.39
N GLY A 223 23.56 -11.40 0.15
CA GLY A 223 22.37 -10.73 -0.31
C GLY A 223 21.56 -11.67 -1.16
N TYR A 224 20.25 -11.66 -0.97
CA TYR A 224 19.35 -12.51 -1.72
C TYR A 224 18.19 -11.69 -2.28
N GLY A 225 17.63 -12.16 -3.39
CA GLY A 225 16.43 -11.56 -3.97
C GLY A 225 15.80 -12.55 -4.93
N PRO A 226 14.84 -12.07 -5.75
CA PRO A 226 14.17 -12.94 -6.72
C PRO A 226 15.07 -13.34 -7.89
N THR A 227 14.72 -14.45 -8.54
CA THR A 227 15.51 -14.97 -9.64
C THR A 227 15.65 -13.99 -10.81
N PHE A 228 14.78 -12.99 -10.89
CA PHE A 228 14.85 -12.06 -12.01
C PHE A 228 15.70 -10.82 -11.71
N PHE A 229 16.22 -10.71 -10.49
CA PHE A 229 17.15 -9.63 -10.19
C PHE A 229 18.51 -10.06 -10.70
N THR A 230 19.32 -9.11 -11.15
CA THR A 230 20.70 -9.40 -11.49
C THR A 230 21.59 -9.43 -10.23
N GLU A 231 22.69 -10.16 -10.31
CA GLU A 231 23.70 -10.19 -9.25
C GLU A 231 24.15 -8.78 -9.01
N TRP A 232 24.48 -8.47 -7.76
CA TRP A 232 24.66 -7.08 -7.41
C TRP A 232 25.89 -6.51 -8.09
N ARG A 233 25.70 -5.33 -8.64
CA ARG A 233 26.73 -4.59 -9.34
C ARG A 233 26.32 -3.13 -9.29
N GLU A 234 27.23 -2.23 -8.95
CA GLU A 234 26.87 -0.82 -8.97
C GLU A 234 26.84 -0.29 -10.40
N LEU A 235 25.85 0.55 -10.65
CA LEU A 235 25.69 1.22 -11.93
C LEU A 235 25.48 2.69 -11.66
N ASP A 236 26.27 3.54 -12.31
CA ASP A 236 26.22 4.99 -12.04
C ASP A 236 24.96 5.57 -12.63
N ALA A 237 24.57 5.06 -13.78
CA ALA A 237 23.39 5.56 -14.45
C ALA A 237 22.90 4.58 -15.50
N GLU A 238 21.65 4.72 -15.89
CA GLU A 238 21.14 4.08 -17.09
C GLU A 238 22.06 4.41 -18.30
N THR A 239 22.41 3.40 -19.09
CA THR A 239 23.20 3.66 -20.32
C THR A 239 22.31 3.97 -21.53
N ALA A 240 22.86 4.63 -22.53
CA ALA A 240 22.06 5.19 -23.63
C ALA A 240 21.42 4.14 -24.55
N ASP A 241 22.06 2.98 -24.70
CA ASP A 241 21.46 1.88 -25.45
C ASP A 241 20.62 0.94 -24.57
N LEU A 242 20.38 1.34 -23.33
CA LEU A 242 19.50 0.60 -22.40
C LEU A 242 19.94 -0.84 -22.19
N ARG A 243 21.23 -1.11 -22.32
CA ARG A 243 21.78 -2.42 -22.04
C ARG A 243 22.56 -2.42 -20.71
N GLY A 244 22.76 -1.24 -20.14
CA GLY A 244 23.36 -1.13 -18.83
C GLY A 244 22.61 -1.89 -17.72
N ALA A 245 23.33 -2.74 -17.01
CA ALA A 245 22.74 -3.53 -15.94
C ALA A 245 23.45 -3.28 -14.62
N GLY A 246 22.66 -3.30 -13.54
CA GLY A 246 23.19 -3.09 -12.21
C GLY A 246 22.26 -2.23 -11.37
N TYR A 247 22.77 -1.73 -10.25
CA TYR A 247 21.95 -1.03 -9.28
C TYR A 247 22.36 0.43 -9.15
N VAL A 248 21.41 1.32 -9.39
CA VAL A 248 21.68 2.74 -9.27
C VAL A 248 21.20 3.22 -7.90
N ASP A 249 22.13 3.58 -7.03
CA ASP A 249 21.77 3.98 -5.67
C ASP A 249 21.04 5.31 -5.70
N HIS A 250 20.13 5.52 -4.74
CA HIS A 250 19.55 6.84 -4.53
C HIS A 250 20.45 7.59 -3.54
N ASP A 251 19.94 8.70 -2.99
CA ASP A 251 20.76 9.52 -2.09
C ASP A 251 21.33 8.67 -0.95
N VAL A 252 22.64 8.75 -0.75
CA VAL A 252 23.29 8.13 0.39
C VAL A 252 24.22 9.18 0.99
N GLU A 253 24.58 9.05 2.26
CA GLU A 253 25.38 10.09 2.92
C GLU A 253 26.76 10.28 2.27
N GLU A 254 27.33 9.21 1.73
CA GLU A 254 28.61 9.32 1.02
C GLU A 254 28.61 10.35 -0.11
N ASP A 255 27.43 10.66 -0.66
CA ASP A 255 27.35 11.63 -1.76
C ASP A 255 27.72 13.03 -1.31
N PHE A 256 27.56 13.35 -0.01
CA PHE A 256 27.82 14.70 0.47
C PHE A 256 28.61 14.79 1.79
N VAL A 257 28.66 13.70 2.56
CA VAL A 257 29.51 13.68 3.73
C VAL A 257 30.96 13.42 3.30
N ALA B 3 -24.35 -14.44 0.74
CA ALA B 3 -22.92 -14.12 0.86
C ALA B 3 -22.26 -14.20 -0.51
N LEU B 4 -21.28 -13.32 -0.73
CA LEU B 4 -20.63 -13.25 -2.04
C LEU B 4 -19.72 -14.45 -2.30
N THR B 5 -19.74 -14.93 -3.55
CA THR B 5 -18.81 -15.95 -4.02
C THR B 5 -17.41 -15.37 -4.24
N ARG B 6 -16.42 -16.24 -4.42
CA ARG B 6 -15.06 -15.78 -4.68
C ARG B 6 -14.98 -14.95 -5.97
N GLU B 7 -15.67 -15.40 -7.02
CA GLU B 7 -15.72 -14.66 -8.28
C GLU B 7 -16.36 -13.28 -8.09
N GLN B 8 -17.45 -13.25 -7.34
CA GLN B 8 -18.16 -12.01 -7.05
C GLN B 8 -17.29 -10.98 -6.31
N LEU B 9 -16.51 -11.48 -5.36
CA LEU B 9 -15.54 -10.65 -4.65
C LEU B 9 -14.41 -10.15 -5.57
N TYR B 10 -13.87 -11.02 -6.42
CA TYR B 10 -12.89 -10.61 -7.44
C TYR B 10 -13.43 -9.43 -8.26
N ILE B 11 -14.67 -9.57 -8.72
CA ILE B 11 -15.31 -8.55 -9.56
C ILE B 11 -15.53 -7.26 -8.78
N PHE B 12 -15.99 -7.36 -7.52
CA PHE B 12 -16.21 -6.14 -6.75
C PHE B 12 -14.92 -5.40 -6.53
N ASP B 13 -13.88 -6.15 -6.13
CA ASP B 13 -12.52 -5.62 -6.00
C ASP B 13 -11.99 -4.92 -7.26
N THR B 14 -12.08 -5.58 -8.42
CA THR B 14 -11.46 -5.09 -9.65
C THR B 14 -12.24 -4.00 -10.36
N THR B 15 -13.56 -3.96 -10.18
CA THR B 15 -14.40 -3.00 -10.90
C THR B 15 -15.00 -1.92 -10.00
N GLY B 16 -15.01 -2.17 -8.70
CA GLY B 16 -15.58 -1.20 -7.76
C GLY B 16 -17.08 -1.30 -7.58
N PHE B 17 -17.71 -2.28 -8.22
CA PHE B 17 -19.13 -2.51 -8.00
C PHE B 17 -19.52 -3.93 -8.37
N LEU B 18 -20.80 -4.23 -8.18
CA LEU B 18 -21.30 -5.56 -8.42
C LEU B 18 -22.81 -5.53 -8.58
N VAL B 19 -23.28 -6.02 -9.72
CA VAL B 19 -24.69 -6.23 -9.94
C VAL B 19 -25.07 -7.63 -9.50
N ILE B 20 -25.96 -7.70 -8.52
CA ILE B 20 -26.51 -8.97 -8.07
C ILE B 20 -27.92 -9.04 -8.61
N PRO B 21 -28.16 -9.95 -9.56
CA PRO B 21 -29.43 -9.94 -10.29
C PRO B 21 -30.55 -10.55 -9.45
N GLY B 22 -31.75 -10.02 -9.61
CA GLY B 22 -32.95 -10.61 -9.04
C GLY B 22 -32.88 -10.93 -7.56
N VAL B 23 -32.45 -9.95 -6.78
CA VAL B 23 -32.40 -10.12 -5.36
C VAL B 23 -33.82 -10.15 -4.80
N PHE B 24 -34.65 -9.20 -5.23
CA PHE B 24 -36.04 -9.11 -4.77
C PHE B 24 -37.02 -9.50 -5.87
N GLY B 25 -38.02 -10.31 -5.51
CA GLY B 25 -39.04 -10.73 -6.48
C GLY B 25 -39.97 -9.60 -6.92
N SER B 26 -40.68 -9.84 -8.02
CA SER B 26 -41.65 -8.85 -8.54
C SER B 26 -42.69 -8.39 -7.49
N GLY B 27 -43.09 -9.32 -6.62
CA GLY B 27 -44.01 -8.97 -5.54
C GLY B 27 -43.44 -7.92 -4.60
N GLU B 28 -42.21 -8.13 -4.15
CA GLU B 28 -41.58 -7.19 -3.23
C GLU B 28 -41.28 -5.87 -3.90
N VAL B 29 -40.89 -5.92 -5.17
CA VAL B 29 -40.59 -4.70 -5.90
C VAL B 29 -41.82 -3.81 -6.01
N GLU B 30 -42.97 -4.42 -6.33
CA GLU B 30 -44.21 -3.68 -6.39
C GLU B 30 -44.53 -2.99 -5.04
N SER B 31 -44.33 -3.72 -3.94
CA SER B 31 -44.50 -3.13 -2.62
C SER B 31 -43.68 -1.87 -2.43
N PHE B 32 -42.43 -1.94 -2.91
CA PHE B 32 -41.50 -0.84 -2.75
C PHE B 32 -41.93 0.33 -3.60
N ARG B 33 -42.41 0.03 -4.80
CA ARG B 33 -42.88 1.07 -5.71
C ARG B 33 -44.10 1.78 -5.10
N SER B 34 -45.04 0.99 -4.58
CA SER B 34 -46.25 1.55 -3.96
C SER B 34 -45.90 2.46 -2.79
N GLU B 35 -45.03 1.99 -1.91
CA GLU B 35 -44.65 2.78 -0.75
C GLU B 35 -44.01 4.11 -1.15
N LEU B 36 -43.34 4.14 -2.30
CA LEU B 36 -42.73 5.38 -2.80
C LEU B 36 -43.78 6.32 -3.39
N GLU B 37 -44.79 5.77 -4.06
CA GLU B 37 -45.92 6.57 -4.56
C GLU B 37 -46.63 7.30 -3.41
N ARG B 38 -46.85 6.56 -2.32
CA ARG B 38 -47.47 7.08 -1.10
C ARG B 38 -46.70 8.25 -0.45
N LEU B 39 -45.38 8.28 -0.60
CA LEU B 39 -44.61 9.40 -0.07
C LEU B 39 -44.78 10.70 -0.87
N ASP B 40 -45.67 10.69 -1.85
CA ASP B 40 -45.99 11.91 -2.59
C ASP B 40 -47.27 12.60 -2.07
N ARG B 50 -36.93 13.75 -8.20
CA ARG B 50 -37.10 14.04 -6.78
C ARG B 50 -36.43 12.98 -5.89
N ARG B 51 -36.05 13.39 -4.68
CA ARG B 51 -35.41 12.50 -3.72
C ARG B 51 -36.31 12.31 -2.50
N TYR B 52 -36.37 11.08 -1.99
CA TYR B 52 -37.12 10.76 -0.78
C TYR B 52 -36.17 10.56 0.39
N PRO B 53 -35.98 11.59 1.21
CA PRO B 53 -35.06 11.46 2.36
C PRO B 53 -35.48 10.39 3.35
N ASP B 54 -34.50 9.89 4.10
CA ASP B 54 -34.72 9.02 5.25
C ASP B 54 -35.89 8.04 5.14
N LEU B 55 -35.85 7.17 4.14
CA LEU B 55 -36.88 6.15 3.96
C LEU B 55 -37.12 5.26 5.20
N PRO B 56 -36.05 4.88 5.94
CA PRO B 56 -36.34 4.07 7.14
C PRO B 56 -37.26 4.75 8.17
N ALA B 57 -36.99 6.02 8.49
CA ALA B 57 -37.79 6.73 9.50
C ALA B 57 -39.20 7.08 9.00
N ALA B 58 -39.43 6.92 7.71
CA ALA B 58 -40.70 7.28 7.10
C ALA B 58 -41.59 6.06 6.79
N SER B 59 -41.01 4.87 6.92
CA SER B 59 -41.68 3.66 6.47
C SER B 59 -41.10 2.38 7.06
N PRO B 60 -41.92 1.61 7.78
CA PRO B 60 -41.47 0.31 8.31
C PRO B 60 -41.12 -0.67 7.21
N VAL B 61 -41.63 -0.43 6.01
CA VAL B 61 -41.28 -1.28 4.88
C VAL B 61 -39.79 -1.12 4.57
N PHE B 62 -39.37 0.12 4.34
CA PHE B 62 -37.99 0.42 4.01
C PHE B 62 -37.05 0.28 5.21
N ALA B 63 -37.58 0.39 6.43
CA ALA B 63 -36.80 0.11 7.64
C ALA B 63 -36.44 -1.38 7.68
N ARG B 64 -37.38 -2.24 7.30
CA ARG B 64 -37.07 -3.66 7.18
C ARG B 64 -36.13 -3.94 6.00
N LEU B 65 -36.30 -3.21 4.90
CA LEU B 65 -35.44 -3.40 3.74
C LEU B 65 -33.97 -3.07 4.08
N ALA B 66 -33.75 -1.92 4.74
CA ALA B 66 -32.41 -1.50 5.17
C ALA B 66 -31.71 -2.55 6.02
N LEU B 67 -32.47 -3.42 6.65
CA LEU B 67 -31.91 -4.45 7.53
C LEU B 67 -32.04 -5.84 6.93
N ASP B 68 -32.61 -5.93 5.74
CA ASP B 68 -32.76 -7.22 5.07
C ASP B 68 -31.36 -7.82 4.85
N ASP B 69 -31.24 -9.13 5.03
CA ASP B 69 -29.93 -9.76 4.95
C ASP B 69 -29.48 -9.98 3.50
N ARG B 70 -30.38 -9.76 2.55
CA ARG B 70 -29.99 -9.82 1.14
C ARG B 70 -29.21 -8.57 0.79
N LEU B 71 -29.35 -7.55 1.63
CA LEU B 71 -28.53 -6.36 1.52
C LEU B 71 -27.32 -6.45 2.46
N LEU B 72 -27.57 -6.84 3.71
CA LEU B 72 -26.52 -6.84 4.73
C LEU B 72 -25.36 -7.81 4.46
N ALA B 73 -25.66 -9.01 3.96
CA ALA B 73 -24.63 -10.02 3.84
C ALA B 73 -23.58 -9.67 2.75
N PRO B 74 -24.01 -9.22 1.55
CA PRO B 74 -22.99 -8.75 0.61
C PRO B 74 -22.27 -7.49 1.10
N VAL B 75 -23.00 -6.58 1.75
CA VAL B 75 -22.38 -5.38 2.32
C VAL B 75 -21.31 -5.75 3.37
N ARG B 76 -21.60 -6.74 4.22
CA ARG B 76 -20.60 -7.18 5.19
C ARG B 76 -19.33 -7.69 4.52
N ASP B 77 -19.48 -8.34 3.37
CA ASP B 77 -18.35 -8.96 2.71
C ASP B 77 -17.42 -7.96 2.05
N VAL B 78 -17.80 -6.69 2.03
CA VAL B 78 -16.94 -5.67 1.42
C VAL B 78 -16.55 -4.56 2.39
N VAL B 79 -17.30 -4.40 3.48
CA VAL B 79 -16.89 -3.44 4.52
C VAL B 79 -16.02 -4.15 5.56
N ASN B 80 -16.48 -5.32 5.99
CA ASN B 80 -15.77 -6.10 7.01
C ASN B 80 -15.38 -5.25 8.25
N GLN B 81 -16.34 -4.45 8.70
CA GLN B 81 -16.25 -3.73 9.97
C GLN B 81 -17.58 -3.80 10.71
N PRO B 82 -17.59 -3.48 12.01
CA PRO B 82 -18.91 -3.30 12.64
C PRO B 82 -19.73 -2.23 11.90
N LEU B 83 -20.91 -2.60 11.42
CA LEU B 83 -21.73 -1.77 10.55
C LEU B 83 -22.70 -0.83 11.23
N ARG B 84 -23.01 0.27 10.56
CA ARG B 84 -24.22 1.02 10.82
C ARG B 84 -24.78 1.57 9.51
N LEU B 85 -26.10 1.77 9.49
CA LEU B 85 -26.79 2.39 8.36
C LEU B 85 -26.51 3.89 8.35
N LEU B 86 -25.90 4.38 7.28
CA LEU B 86 -25.53 5.79 7.23
C LEU B 86 -26.54 6.64 6.48
N GLU B 87 -27.32 6.01 5.58
CA GLU B 87 -28.34 6.74 4.83
C GLU B 87 -29.25 5.77 4.09
N GLY B 88 -30.48 6.21 3.84
CA GLY B 88 -31.46 5.41 3.15
C GLY B 88 -32.42 6.35 2.46
N TYR B 89 -32.39 6.37 1.14
CA TYR B 89 -33.21 7.32 0.37
C TYR B 89 -33.73 6.69 -0.90
N GLY B 90 -34.73 7.33 -1.48
CA GLY B 90 -35.34 6.86 -2.71
C GLY B 90 -35.07 7.89 -3.78
N LEU B 91 -35.09 7.46 -5.04
CA LEU B 91 -34.89 8.39 -6.14
C LEU B 91 -35.94 8.16 -7.23
N ARG B 92 -36.57 9.24 -7.67
CA ARG B 92 -37.47 9.15 -8.81
C ARG B 92 -37.00 10.14 -9.86
N ARG B 93 -36.92 9.67 -11.10
CA ARG B 93 -36.48 10.52 -12.19
C ARG B 93 -37.36 10.34 -13.42
N THR B 94 -37.68 11.45 -14.08
CA THR B 94 -38.38 11.38 -15.35
C THR B 94 -37.41 11.88 -16.44
N LYS B 95 -37.92 12.22 -17.64
CA LYS B 95 -37.01 12.56 -18.73
C LYS B 95 -36.34 13.94 -18.56
N ASP B 96 -35.15 14.05 -19.15
CA ASP B 96 -34.25 15.21 -19.06
C ASP B 96 -33.56 15.32 -17.67
N SER B 97 -33.70 14.30 -16.85
CA SER B 97 -32.99 14.26 -15.57
C SER B 97 -31.64 13.59 -15.79
N VAL B 98 -30.64 14.01 -15.02
CA VAL B 98 -29.28 13.51 -15.22
C VAL B 98 -28.52 13.51 -13.90
N LEU B 99 -27.58 12.58 -13.73
CA LEU B 99 -26.71 12.62 -12.56
C LEU B 99 -25.24 12.64 -12.97
N TYR B 100 -24.62 13.80 -12.85
CA TYR B 100 -23.24 13.97 -13.26
C TYR B 100 -22.29 13.18 -12.37
N LEU B 101 -21.04 13.06 -12.83
CA LEU B 101 -20.04 12.22 -12.18
C LEU B 101 -19.68 12.67 -10.77
N HIS B 102 -19.75 11.75 -9.82
CA HIS B 102 -19.19 12.01 -8.49
C HIS B 102 -18.38 10.80 -8.04
N GLY B 103 -17.61 10.96 -6.98
CA GLY B 103 -16.76 9.88 -6.48
C GLY B 103 -15.37 9.99 -7.07
N GLY B 104 -14.60 8.90 -7.03
CA GLY B 104 -13.25 8.93 -7.54
C GLY B 104 -12.20 8.97 -6.43
N ASN B 105 -11.24 8.04 -6.48
CA ASN B 105 -10.29 7.85 -5.38
C ASN B 105 -9.33 9.01 -5.13
N SER B 106 -9.00 9.79 -6.17
CA SER B 106 -7.91 10.77 -6.01
C SER B 106 -8.31 12.19 -6.41
N GLU B 107 -9.62 12.44 -6.43
CA GLU B 107 -10.12 13.77 -6.72
C GLU B 107 -9.69 14.72 -5.63
N LEU B 108 -9.48 15.98 -6.01
CA LEU B 108 -8.90 16.97 -5.10
C LEU B 108 -9.94 17.78 -4.33
N LEU B 109 -9.51 18.32 -3.20
CA LEU B 109 -10.34 19.16 -2.34
C LEU B 109 -9.47 20.26 -1.78
N ASP B 110 -9.97 21.49 -1.78
CA ASP B 110 -9.23 22.58 -1.13
C ASP B 110 -9.73 22.76 0.30
N LEU B 111 -8.81 22.72 1.25
CA LEU B 111 -9.14 23.01 2.65
C LEU B 111 -8.84 24.46 3.02
N GLY B 112 -8.54 25.29 2.03
CA GLY B 112 -8.34 26.71 2.28
C GLY B 112 -6.96 27.14 2.71
N ASP B 113 -6.10 26.19 3.07
CA ASP B 113 -4.67 26.48 3.26
C ASP B 113 -3.83 25.38 2.61
N ARG B 114 -4.52 24.41 2.03
CA ARG B 114 -3.87 23.29 1.37
C ARG B 114 -4.89 22.55 0.53
N GLN B 115 -4.38 21.69 -0.34
CA GLN B 115 -5.20 20.87 -1.21
C GLN B 115 -4.90 19.40 -0.92
N VAL B 116 -5.92 18.58 -0.78
CA VAL B 116 -5.71 17.17 -0.49
C VAL B 116 -6.29 16.27 -1.58
N GLY B 117 -5.71 15.08 -1.72
CA GLY B 117 -6.06 14.18 -2.80
C GLY B 117 -6.54 12.86 -2.26
N ARG B 118 -6.90 12.85 -0.97
CA ARG B 118 -7.49 11.68 -0.35
C ARG B 118 -8.75 12.06 0.42
N ASP B 119 -9.76 11.20 0.33
CA ASP B 119 -10.98 11.34 1.11
C ASP B 119 -11.12 10.07 1.95
N LEU B 120 -10.86 10.18 3.24
CA LEU B 120 -10.78 8.99 4.09
C LEU B 120 -12.14 8.35 4.30
N SER B 121 -13.22 9.04 3.93
CA SER B 121 -14.56 8.45 4.06
C SER B 121 -14.77 7.35 3.04
N ILE B 122 -14.00 7.40 1.95
CA ILE B 122 -14.09 6.38 0.91
C ILE B 122 -12.76 5.66 0.63
N THR B 123 -11.72 6.01 1.36
CA THR B 123 -10.40 5.39 1.15
C THR B 123 -10.42 3.94 1.66
N HIS B 124 -10.23 3.00 0.76
CA HIS B 124 -10.41 1.58 1.06
C HIS B 124 -9.12 0.78 0.92
N THR B 125 -9.15 -0.46 1.40
CA THR B 125 -7.93 -1.24 1.40
C THR B 125 -8.24 -2.73 1.36
N TYR B 126 -7.21 -3.55 1.49
CA TYR B 126 -7.34 -4.99 1.45
C TYR B 126 -6.33 -5.60 2.41
N HIS B 127 -6.72 -6.66 3.11
CA HIS B 127 -5.82 -7.26 4.08
C HIS B 127 -6.25 -8.70 4.34
N ASP B 128 -5.33 -9.65 4.18
CA ASP B 128 -5.53 -11.05 4.58
C ASP B 128 -6.86 -11.64 4.14
N GLY B 129 -7.14 -11.58 2.85
CA GLY B 129 -8.30 -12.24 2.29
C GLY B 129 -9.58 -11.44 2.31
N LYS B 130 -9.51 -10.22 2.82
CA LYS B 130 -10.71 -9.40 2.98
C LYS B 130 -10.52 -7.98 2.49
N LEU B 131 -11.57 -7.48 1.83
CA LEU B 131 -11.70 -6.08 1.45
C LEU B 131 -12.20 -5.25 2.61
N TYR B 132 -11.71 -4.01 2.69
CA TYR B 132 -12.14 -3.07 3.72
C TYR B 132 -12.53 -1.75 3.08
N CYS B 133 -13.78 -1.66 2.65
CA CYS B 133 -14.34 -0.47 2.04
C CYS B 133 -15.24 0.26 3.05
N PRO B 134 -14.85 1.48 3.47
CA PRO B 134 -15.60 2.19 4.52
C PRO B 134 -16.98 2.73 4.12
N TYR B 135 -17.25 2.85 2.81
CA TYR B 135 -18.55 3.39 2.37
C TYR B 135 -19.05 2.67 1.14
N VAL B 136 -20.07 1.82 1.31
CA VAL B 136 -20.69 1.19 0.16
C VAL B 136 -22.20 1.44 0.14
N LYS B 137 -22.76 1.45 -1.08
CA LYS B 137 -24.18 1.61 -1.28
C LYS B 137 -24.77 0.40 -1.96
N ALA B 138 -25.89 -0.07 -1.43
CA ALA B 138 -26.71 -1.04 -2.14
C ALA B 138 -27.84 -0.26 -2.80
N LEU B 139 -27.77 -0.16 -4.12
CA LEU B 139 -28.83 0.45 -4.91
C LEU B 139 -29.83 -0.63 -5.33
N VAL B 140 -31.04 -0.55 -4.83
CA VAL B 140 -32.09 -1.50 -5.18
C VAL B 140 -32.94 -0.87 -6.27
N TYR B 141 -32.90 -1.44 -7.47
CA TYR B 141 -33.60 -0.85 -8.60
C TYR B 141 -35.03 -1.39 -8.68
N LEU B 142 -35.97 -0.47 -8.93
CA LEU B 142 -37.40 -0.80 -8.99
C LEU B 142 -37.95 -0.56 -10.39
N SER B 143 -37.05 -0.32 -11.35
CA SER B 143 -37.46 -0.19 -12.75
C SER B 143 -36.31 -0.59 -13.69
N ASP B 144 -36.64 -1.24 -14.80
CA ASP B 144 -35.67 -1.70 -15.80
C ASP B 144 -34.91 -0.53 -16.42
N ILE B 145 -33.60 -0.68 -16.54
CA ILE B 145 -32.75 0.30 -17.21
C ILE B 145 -31.84 -0.46 -18.17
N GLN B 146 -32.29 -0.60 -19.41
CA GLN B 146 -31.67 -1.52 -20.36
C GLN B 146 -30.98 -0.81 -21.51
N SER B 147 -30.91 0.51 -21.43
CA SER B 147 -30.25 1.29 -22.47
C SER B 147 -29.78 2.62 -21.91
N PRO B 148 -28.74 3.19 -22.49
CA PRO B 148 -28.22 4.51 -22.10
C PRO B 148 -29.29 5.60 -21.96
N GLU B 149 -30.22 5.72 -22.90
CA GLU B 149 -31.20 6.80 -22.89
C GLU B 149 -32.28 6.59 -21.80
N ASP B 150 -32.23 5.45 -21.12
CA ASP B 150 -32.98 5.22 -19.88
C ASP B 150 -32.34 5.88 -18.66
N GLY B 151 -31.18 6.51 -18.86
CA GLY B 151 -30.43 7.08 -17.75
C GLY B 151 -29.64 5.99 -17.05
N SER B 152 -28.84 5.24 -17.82
CA SER B 152 -28.12 4.11 -17.25
C SER B 152 -27.02 4.56 -16.32
N PHE B 153 -26.85 3.82 -15.23
CA PHE B 153 -25.69 3.95 -14.36
C PHE B 153 -24.43 3.90 -15.20
N CYS B 154 -23.55 4.89 -15.03
CA CYS B 154 -22.27 4.88 -15.72
C CYS B 154 -21.11 5.19 -14.76
N TYR B 155 -19.93 4.68 -15.10
CA TYR B 155 -18.78 4.78 -14.21
C TYR B 155 -17.47 4.83 -14.98
N VAL B 156 -16.46 5.45 -14.37
CA VAL B 156 -15.14 5.52 -14.98
C VAL B 156 -14.35 4.30 -14.52
N GLN B 157 -13.97 3.43 -15.45
CA GLN B 157 -13.27 2.18 -15.10
C GLN B 157 -12.03 2.39 -14.24
N GLY B 158 -11.95 1.64 -13.14
CA GLY B 158 -10.77 1.67 -12.28
C GLY B 158 -10.62 2.94 -11.45
N SER B 159 -11.62 3.81 -11.51
CA SER B 159 -11.55 5.11 -10.83
C SER B 159 -11.58 4.95 -9.32
N HIS B 160 -12.00 3.80 -8.83
CA HIS B 160 -12.06 3.59 -7.39
C HIS B 160 -10.67 3.37 -6.81
N LYS B 161 -9.71 3.07 -7.69
CA LYS B 161 -8.31 2.90 -7.29
C LYS B 161 -7.40 3.88 -8.01
N ALA B 162 -7.97 4.95 -8.57
CA ALA B 162 -7.18 5.92 -9.33
C ALA B 162 -6.19 6.63 -8.42
N ASN B 163 -4.99 6.90 -8.94
CA ASN B 163 -3.97 7.64 -8.20
C ASN B 163 -3.83 9.11 -8.64
N PHE B 164 -4.32 9.44 -9.83
CA PHE B 164 -4.33 10.84 -10.28
C PHE B 164 -5.76 11.37 -10.27
N PRO B 165 -5.92 12.68 -10.02
CA PRO B 165 -7.25 13.30 -10.14
C PRO B 165 -7.66 13.48 -11.61
N LEU B 166 -8.96 13.48 -11.88
CA LEU B 166 -9.44 13.59 -13.25
C LEU B 166 -10.19 14.90 -13.47
N LEU B 167 -11.04 15.28 -12.52
CA LEU B 167 -11.96 16.38 -12.75
C LEU B 167 -11.38 17.76 -12.50
N ARG B 168 -10.31 17.85 -11.73
CA ARG B 168 -9.67 19.15 -11.49
C ARG B 168 -9.07 19.71 -12.79
N GLU B 169 -8.32 18.86 -13.49
CA GLU B 169 -7.67 19.26 -14.74
C GLU B 169 -8.63 19.86 -15.75
N ARG B 170 -9.78 19.21 -15.96
CA ARG B 170 -10.69 19.70 -17.00
C ARG B 170 -11.53 20.88 -16.51
N ALA B 171 -11.74 20.96 -15.20
CA ALA B 171 -12.29 22.17 -14.60
C ALA B 171 -11.17 23.17 -14.32
N ASN B 176 -16.71 22.04 -18.87
CA ASN B 176 -17.99 22.74 -19.04
C ASN B 176 -19.19 21.81 -19.29
N THR B 177 -19.00 20.81 -20.14
CA THR B 177 -19.98 19.73 -20.33
C THR B 177 -19.61 18.56 -19.41
N SER B 178 -20.55 17.65 -19.19
CA SER B 178 -20.29 16.49 -18.33
C SER B 178 -19.88 15.27 -19.15
N LEU B 179 -18.91 14.52 -18.62
CA LEU B 179 -18.42 13.33 -19.30
C LEU B 179 -19.55 12.34 -19.56
N VAL B 180 -20.59 12.46 -18.76
CA VAL B 180 -21.81 11.66 -18.89
C VAL B 180 -22.49 11.93 -20.25
N ASP B 181 -22.31 13.13 -20.77
CA ASP B 181 -22.86 13.51 -22.08
C ASP B 181 -21.83 13.37 -23.21
N SER B 182 -20.67 14.00 -23.03
CA SER B 182 -19.66 14.04 -24.09
C SER B 182 -19.02 12.67 -24.32
N GLY B 183 -18.86 11.89 -23.25
CA GLY B 183 -18.22 10.59 -23.34
C GLY B 183 -16.79 10.62 -22.86
N PHE B 184 -16.22 9.43 -22.66
CA PHE B 184 -14.86 9.27 -22.14
C PHE B 184 -14.43 7.85 -22.46
N PRO B 185 -13.14 7.66 -22.79
CA PRO B 185 -12.72 6.34 -23.30
C PRO B 185 -12.96 5.18 -22.34
N THR B 186 -13.07 5.45 -21.04
CA THR B 186 -13.26 4.37 -20.09
C THR B 186 -14.55 4.54 -19.27
N LEU B 187 -15.41 5.46 -19.70
CA LEU B 187 -16.74 5.61 -19.10
C LEU B 187 -17.64 4.51 -19.64
N SER B 188 -18.09 3.63 -18.76
CA SER B 188 -18.87 2.47 -19.18
C SER B 188 -20.25 2.47 -18.55
N ASP B 189 -21.18 1.76 -19.19
CA ASP B 189 -22.57 1.70 -18.74
C ASP B 189 -22.93 0.39 -18.07
N VAL B 190 -23.89 0.47 -17.15
CA VAL B 190 -24.40 -0.70 -16.45
C VAL B 190 -25.91 -0.79 -16.61
N PHE B 191 -26.39 -1.95 -17.03
CA PHE B 191 -27.81 -2.19 -17.20
C PHE B 191 -28.36 -3.11 -16.11
N VAL B 192 -29.53 -2.74 -15.59
CA VAL B 192 -30.18 -3.50 -14.51
C VAL B 192 -31.66 -3.78 -14.80
N ARG B 193 -32.15 -4.88 -14.25
CA ARG B 193 -33.58 -5.18 -14.25
C ARG B 193 -34.15 -4.81 -12.90
N SER B 194 -35.47 -4.59 -12.85
CA SER B 194 -36.17 -4.42 -11.58
C SER B 194 -35.84 -5.54 -10.60
N GLY B 195 -35.45 -5.16 -9.38
CA GLY B 195 -35.15 -6.14 -8.36
C GLY B 195 -33.68 -6.52 -8.30
N ASP B 196 -32.86 -5.92 -9.16
CA ASP B 196 -31.41 -6.09 -9.08
C ASP B 196 -30.85 -5.17 -8.01
N VAL B 197 -29.72 -5.56 -7.43
CA VAL B 197 -29.00 -4.70 -6.52
C VAL B 197 -27.66 -4.30 -7.14
N LEU B 198 -27.39 -3.01 -7.23
CA LEU B 198 -26.04 -2.58 -7.56
C LEU B 198 -25.25 -2.25 -6.28
N LEU B 199 -24.36 -3.17 -5.88
CA LEU B 199 -23.52 -2.94 -4.72
C LEU B 199 -22.29 -2.15 -5.14
N LEU B 200 -22.07 -1.02 -4.49
CA LEU B 200 -21.18 0.01 -5.01
C LEU B 200 -20.16 0.51 -3.99
N ASN B 201 -18.89 0.45 -4.37
CA ASN B 201 -17.80 1.12 -3.66
C ASN B 201 -17.89 2.61 -3.96
N GLU B 202 -18.06 3.45 -2.95
CA GLU B 202 -18.30 4.87 -3.19
C GLU B 202 -17.01 5.61 -3.57
N ALA B 203 -15.89 4.92 -3.52
CA ALA B 203 -14.66 5.46 -4.09
C ALA B 203 -14.78 5.55 -5.61
N LEU B 204 -15.63 4.72 -6.21
CA LEU B 204 -15.80 4.68 -7.67
C LEU B 204 -16.39 5.98 -8.21
N MET B 205 -15.75 6.55 -9.23
CA MET B 205 -16.31 7.73 -9.87
C MET B 205 -17.44 7.30 -10.77
N HIS B 206 -18.63 7.83 -10.50
CA HIS B 206 -19.84 7.34 -11.16
C HIS B 206 -20.94 8.40 -11.28
N GLY B 207 -21.97 8.04 -12.03
CA GLY B 207 -23.10 8.92 -12.27
C GLY B 207 -24.12 8.17 -13.09
N THR B 208 -24.99 8.88 -13.80
CA THR B 208 -25.87 8.20 -14.76
C THR B 208 -25.98 9.03 -16.03
N ARG B 209 -26.26 8.37 -17.15
CA ARG B 209 -26.56 9.08 -18.39
C ARG B 209 -27.79 9.96 -18.24
N ARG B 210 -27.96 10.86 -19.19
CA ARG B 210 -29.16 11.68 -19.28
C ARG B 210 -30.36 10.82 -19.68
N LYS B 211 -31.44 10.91 -18.92
CA LYS B 211 -32.65 10.16 -19.27
C LYS B 211 -33.47 10.93 -20.32
N LEU B 212 -33.80 10.26 -21.42
CA LEU B 212 -34.52 10.91 -22.53
C LEU B 212 -35.82 10.20 -22.82
N THR B 213 -35.93 8.98 -22.30
CA THR B 213 -37.10 8.14 -22.49
C THR B 213 -38.25 8.51 -21.55
N GLU B 214 -39.43 7.95 -21.81
CA GLU B 214 -40.61 8.17 -20.98
C GLU B 214 -40.77 7.07 -19.93
N GLY B 215 -41.36 7.40 -18.79
CA GLY B 215 -41.58 6.43 -17.73
C GLY B 215 -40.71 6.70 -16.53
N ASP B 216 -41.20 6.37 -15.34
CA ASP B 216 -40.46 6.66 -14.12
C ASP B 216 -39.28 5.72 -13.89
N ARG B 217 -38.16 6.33 -13.51
CA ARG B 217 -36.92 5.64 -13.15
C ARG B 217 -36.85 5.60 -11.62
N LEU B 218 -36.91 4.40 -11.05
CA LEU B 218 -37.07 4.24 -9.60
C LEU B 218 -36.02 3.36 -8.93
N LEU B 219 -35.44 3.85 -7.84
CA LEU B 219 -34.53 3.05 -7.02
C LEU B 219 -34.50 3.50 -5.57
N THR B 220 -34.11 2.59 -4.70
CA THR B 220 -33.86 2.91 -3.30
C THR B 220 -32.40 2.63 -2.97
N ALA B 221 -31.76 3.57 -2.29
CA ALA B 221 -30.34 3.47 -2.02
C ALA B 221 -30.05 3.43 -0.52
N PHE B 222 -29.25 2.45 -0.10
CA PHE B 222 -28.88 2.32 1.30
C PHE B 222 -27.36 2.31 1.42
N GLY B 223 -26.85 3.33 2.13
CA GLY B 223 -25.44 3.42 2.40
C GLY B 223 -25.08 2.88 3.78
N TYR B 224 -24.01 2.08 3.82
CA TYR B 224 -23.49 1.51 5.04
C TYR B 224 -22.02 1.86 5.20
N GLY B 225 -21.58 1.96 6.45
CA GLY B 225 -20.19 2.18 6.80
C GLY B 225 -19.95 1.68 8.22
N PRO B 226 -18.74 1.91 8.74
CA PRO B 226 -18.43 1.48 10.10
C PRO B 226 -19.23 2.25 11.15
N THR B 227 -19.36 1.64 12.32
CA THR B 227 -20.11 2.21 13.44
C THR B 227 -19.55 3.56 13.90
N PHE B 228 -18.29 3.84 13.59
CA PHE B 228 -17.73 5.13 14.00
C PHE B 228 -17.92 6.23 12.96
N PHE B 229 -18.48 5.89 11.80
CA PHE B 229 -18.87 6.90 10.83
C PHE B 229 -20.17 7.58 11.24
N THR B 230 -20.24 8.88 11.01
CA THR B 230 -21.44 9.66 11.26
C THR B 230 -22.45 9.44 10.13
N GLU B 231 -23.74 9.58 10.42
CA GLU B 231 -24.77 9.45 9.39
C GLU B 231 -24.58 10.48 8.28
N TRP B 232 -24.94 10.14 7.04
CA TRP B 232 -24.63 11.04 5.94
C TRP B 232 -25.41 12.34 5.96
N ARG B 233 -24.65 13.42 5.86
CA ARG B 233 -25.16 14.76 5.62
C ARG B 233 -24.01 15.49 4.94
N GLU B 234 -24.30 16.35 3.96
CA GLU B 234 -23.20 17.04 3.32
C GLU B 234 -22.81 18.27 4.15
N LEU B 235 -21.52 18.32 4.47
CA LEU B 235 -20.92 19.44 5.18
C LEU B 235 -20.15 20.28 4.16
N ASP B 236 -20.28 21.59 4.26
CA ASP B 236 -19.67 22.48 3.28
C ASP B 236 -18.17 22.55 3.54
N ALA B 237 -17.83 22.53 4.82
CA ALA B 237 -16.46 22.72 5.27
C ALA B 237 -16.35 22.41 6.77
N GLU B 238 -15.13 22.29 7.24
CA GLU B 238 -14.84 22.18 8.66
C GLU B 238 -15.34 23.43 9.38
N THR B 239 -16.09 23.25 10.47
CA THR B 239 -16.62 24.42 11.17
C THR B 239 -15.49 25.04 12.00
N ALA B 240 -15.70 26.29 12.41
CA ALA B 240 -14.65 27.03 13.11
C ALA B 240 -14.35 26.47 14.50
N ASP B 241 -15.30 25.72 15.06
CA ASP B 241 -15.14 25.19 16.42
C ASP B 241 -14.79 23.70 16.42
N LEU B 242 -14.62 23.15 15.22
CA LEU B 242 -14.29 21.73 15.04
C LEU B 242 -15.36 20.83 15.65
N ARG B 243 -16.61 21.27 15.59
CA ARG B 243 -17.73 20.45 16.02
C ARG B 243 -18.58 20.05 14.83
N GLY B 244 -18.19 20.52 13.65
CA GLY B 244 -18.91 20.18 12.43
C GLY B 244 -18.98 18.68 12.22
N ALA B 245 -20.14 18.18 11.84
CA ALA B 245 -20.35 16.76 11.58
C ALA B 245 -20.85 16.53 10.16
N GLY B 246 -20.21 15.62 9.42
CA GLY B 246 -20.64 15.35 8.07
C GLY B 246 -19.54 15.14 7.05
N TYR B 247 -19.95 15.06 5.79
CA TYR B 247 -19.06 14.70 4.68
C TYR B 247 -18.82 15.87 3.72
N VAL B 248 -17.58 16.33 3.65
CA VAL B 248 -17.20 17.32 2.64
C VAL B 248 -16.76 16.57 1.39
N ASP B 249 -17.53 16.68 0.31
CA ASP B 249 -17.18 15.91 -0.88
C ASP B 249 -16.04 16.60 -1.63
N HIS B 250 -15.36 15.83 -2.46
CA HIS B 250 -14.27 16.36 -3.26
C HIS B 250 -14.82 16.81 -4.62
N ASP B 251 -13.93 17.23 -5.50
CA ASP B 251 -14.30 17.61 -6.87
C ASP B 251 -15.32 16.67 -7.48
N VAL B 252 -16.47 17.22 -7.83
CA VAL B 252 -17.53 16.48 -8.53
C VAL B 252 -17.92 17.30 -9.77
N GLU B 253 -18.58 16.67 -10.74
CA GLU B 253 -18.84 17.38 -11.99
C GLU B 253 -19.79 18.55 -11.83
N GLU B 254 -20.76 18.44 -10.92
CA GLU B 254 -21.77 19.48 -10.78
C GLU B 254 -21.21 20.76 -10.15
N ASP B 255 -19.92 20.75 -9.81
CA ASP B 255 -19.23 21.95 -9.34
C ASP B 255 -18.90 22.92 -10.47
N PHE B 256 -19.00 22.46 -11.71
CA PHE B 256 -18.63 23.26 -12.86
C PHE B 256 -19.43 22.85 -14.11
N VAL B 257 -20.50 22.09 -13.89
CA VAL B 257 -21.41 21.69 -14.96
C VAL B 257 -22.86 21.94 -14.54
N ALA C 3 4.81 25.43 11.50
CA ALA C 3 4.19 24.10 11.52
C ALA C 3 5.26 23.05 11.55
N LEU C 4 4.88 21.79 11.40
CA LEU C 4 5.86 20.71 11.43
C LEU C 4 6.93 20.86 10.35
N THR C 5 8.19 20.69 10.75
CA THR C 5 9.29 20.71 9.82
C THR C 5 9.32 19.39 9.08
N ARG C 6 10.21 19.26 8.10
CA ARG C 6 10.25 18.05 7.28
C ARG C 6 10.77 16.87 8.09
N GLU C 7 11.77 17.14 8.94
CA GLU C 7 12.35 16.13 9.81
C GLU C 7 11.31 15.63 10.82
N GLN C 8 10.47 16.55 11.30
CA GLN C 8 9.39 16.23 12.23
C GLN C 8 8.32 15.39 11.55
N LEU C 9 7.99 15.73 10.32
CA LEU C 9 7.04 14.92 9.58
C LEU C 9 7.61 13.54 9.32
N TYR C 10 8.89 13.48 8.95
CA TYR C 10 9.57 12.23 8.72
C TYR C 10 9.49 11.35 9.97
N ILE C 11 9.77 11.96 11.12
CA ILE C 11 9.76 11.24 12.38
C ILE C 11 8.35 10.72 12.75
N PHE C 12 7.31 11.53 12.49
CA PHE C 12 5.96 11.12 12.86
C PHE C 12 5.57 9.95 12.00
N ASP C 13 5.85 10.07 10.71
CA ASP C 13 5.59 9.01 9.75
C ASP C 13 6.29 7.70 10.13
N THR C 14 7.58 7.78 10.46
CA THR C 14 8.36 6.56 10.66
C THR C 14 8.19 5.94 12.05
N THR C 15 7.89 6.75 13.07
CA THR C 15 7.72 6.20 14.43
C THR C 15 6.30 6.17 14.97
N GLY C 16 5.37 6.86 14.30
CA GLY C 16 3.99 6.86 14.74
C GLY C 16 3.67 7.90 15.79
N PHE C 17 4.65 8.73 16.13
CA PHE C 17 4.42 9.81 17.07
C PHE C 17 5.50 10.88 17.00
N LEU C 18 5.33 11.94 17.78
CA LEU C 18 6.24 13.06 17.81
C LEU C 18 6.15 13.82 19.13
N VAL C 19 7.26 13.93 19.86
CA VAL C 19 7.31 14.80 21.03
C VAL C 19 7.73 16.21 20.61
N ILE C 20 6.80 17.16 20.73
CA ILE C 20 7.06 18.57 20.45
C ILE C 20 7.32 19.28 21.78
N PRO C 21 8.58 19.69 22.05
CA PRO C 21 8.95 20.18 23.38
C PRO C 21 8.57 21.65 23.64
N GLY C 22 8.23 21.95 24.89
CA GLY C 22 8.01 23.33 25.31
C GLY C 22 6.90 24.03 24.57
N VAL C 23 5.80 23.32 24.32
CA VAL C 23 4.74 23.93 23.59
C VAL C 23 4.06 24.97 24.47
N PHE C 24 3.84 24.63 25.74
CA PHE C 24 3.13 25.49 26.68
C PHE C 24 4.05 25.93 27.79
N GLY C 25 3.99 27.23 28.12
CA GLY C 25 4.81 27.81 29.17
C GLY C 25 4.35 27.43 30.57
N SER C 26 5.21 27.75 31.55
CA SER C 26 4.99 27.41 32.95
C SER C 26 3.67 27.95 33.49
N GLY C 27 3.33 29.18 33.12
CA GLY C 27 2.07 29.78 33.54
C GLY C 27 0.89 28.98 33.03
N GLU C 28 0.93 28.66 31.74
CA GLU C 28 -0.17 27.96 31.09
C GLU C 28 -0.38 26.58 31.68
N VAL C 29 0.72 25.87 31.90
CA VAL C 29 0.67 24.55 32.51
C VAL C 29 0.03 24.62 33.91
N GLU C 30 0.41 25.63 34.71
CA GLU C 30 -0.13 25.79 36.05
C GLU C 30 -1.63 26.02 36.00
N SER C 31 -2.10 26.84 35.06
CA SER C 31 -3.54 27.05 34.95
C SER C 31 -4.25 25.76 34.53
N PHE C 32 -3.60 24.92 33.71
CA PHE C 32 -4.22 23.67 33.31
C PHE C 32 -4.34 22.73 34.51
N ARG C 33 -3.25 22.64 35.29
CA ARG C 33 -3.17 21.86 36.50
C ARG C 33 -4.24 22.34 37.49
N SER C 34 -4.27 23.66 37.67
CA SER C 34 -5.21 24.35 38.53
C SER C 34 -6.63 23.98 38.20
N GLU C 35 -6.93 23.90 36.91
CA GLU C 35 -8.28 23.59 36.48
C GLU C 35 -8.65 22.12 36.77
N LEU C 36 -7.71 21.20 36.64
CA LEU C 36 -7.98 19.80 36.97
C LEU C 36 -8.20 19.63 38.49
N GLU C 37 -7.50 20.42 39.28
CA GLU C 37 -7.69 20.41 40.74
C GLU C 37 -9.05 21.00 41.13
N ARG C 38 -9.49 22.03 40.42
CA ARG C 38 -10.82 22.59 40.61
C ARG C 38 -11.90 21.52 40.39
N LEU C 39 -11.66 20.60 39.45
CA LEU C 39 -12.60 19.52 39.21
C LEU C 39 -12.52 18.48 40.31
N ASP C 40 -11.33 18.32 40.88
CA ASP C 40 -11.17 17.44 42.03
C ASP C 40 -12.03 17.86 43.23
N THR C 41 -12.31 19.16 43.35
CA THR C 41 -12.95 19.70 44.55
C THR C 41 -14.42 19.32 44.68
N VAL C 42 -14.98 18.67 43.66
CA VAL C 42 -16.38 18.25 43.72
C VAL C 42 -16.56 17.25 44.89
N ASP C 43 -15.53 16.46 45.17
CA ASP C 43 -15.56 15.49 46.26
C ASP C 43 -14.33 15.59 47.19
N PRO C 44 -14.54 15.37 48.51
CA PRO C 44 -13.43 15.41 49.48
C PRO C 44 -12.48 14.22 49.35
N GLY C 45 -11.25 14.37 49.81
CA GLY C 45 -10.32 13.27 49.83
C GLY C 45 -9.15 13.51 48.89
N PHE C 46 -8.12 12.67 49.00
CA PHE C 46 -6.93 12.81 48.17
C PHE C 46 -7.21 12.47 46.71
N PRO C 47 -6.48 13.12 45.79
CA PRO C 47 -6.39 12.75 44.37
C PRO C 47 -6.30 11.24 44.15
N ARG C 48 -7.11 10.76 43.23
CA ARG C 48 -7.17 9.35 42.91
C ARG C 48 -6.92 9.19 41.42
N THR C 49 -6.38 8.06 40.98
CA THR C 49 -6.23 7.81 39.55
C THR C 49 -7.59 7.89 38.91
N ARG C 50 -7.73 8.74 37.90
CA ARG C 50 -9.04 8.98 37.32
C ARG C 50 -8.99 9.64 35.96
N ARG C 51 -10.12 9.58 35.28
CA ARG C 51 -10.34 10.28 34.04
C ARG C 51 -11.17 11.54 34.31
N TYR C 52 -10.87 12.62 33.62
CA TYR C 52 -11.68 13.82 33.66
C TYR C 52 -12.38 13.98 32.32
N PRO C 53 -13.63 13.51 32.20
CA PRO C 53 -14.29 13.46 30.89
C PRO C 53 -14.67 14.84 30.38
N ASP C 54 -14.71 15.01 29.06
CA ASP C 54 -15.29 16.21 28.44
C ASP C 54 -14.73 17.52 28.96
N LEU C 55 -13.41 17.68 28.96
CA LEU C 55 -12.79 18.90 29.43
C LEU C 55 -13.29 20.18 28.74
N PRO C 56 -13.51 20.16 27.41
CA PRO C 56 -13.99 21.40 26.78
C PRO C 56 -15.29 21.92 27.38
N ALA C 57 -16.21 21.02 27.70
CA ALA C 57 -17.49 21.42 28.30
C ALA C 57 -17.34 21.76 29.79
N ALA C 58 -16.36 21.14 30.44
CA ALA C 58 -16.17 21.31 31.87
C ALA C 58 -15.45 22.62 32.19
N SER C 59 -14.66 23.11 31.25
CA SER C 59 -13.82 24.26 31.49
C SER C 59 -13.54 25.11 30.26
N PRO C 60 -13.90 26.41 30.32
CA PRO C 60 -13.55 27.39 29.30
C PRO C 60 -12.06 27.39 28.92
N VAL C 61 -11.19 27.11 29.90
CA VAL C 61 -9.76 27.04 29.65
C VAL C 61 -9.44 25.89 28.72
N PHE C 62 -10.03 24.73 28.98
CA PHE C 62 -9.77 23.55 28.17
C PHE C 62 -10.53 23.56 26.84
N ALA C 63 -11.66 24.26 26.79
CA ALA C 63 -12.34 24.47 25.51
C ALA C 63 -11.44 25.28 24.56
N ARG C 64 -10.74 26.28 25.09
CA ARG C 64 -9.79 27.05 24.31
C ARG C 64 -8.53 26.23 23.98
N LEU C 65 -8.08 25.42 24.93
CA LEU C 65 -6.92 24.55 24.70
C LEU C 65 -7.13 23.62 23.50
N ALA C 66 -8.33 23.08 23.38
CA ALA C 66 -8.69 22.14 22.32
C ALA C 66 -8.64 22.80 20.94
N LEU C 67 -8.73 24.11 20.93
CA LEU C 67 -8.85 24.85 19.68
C LEU C 67 -7.61 25.71 19.47
N ASP C 68 -6.63 25.49 20.32
CA ASP C 68 -5.38 26.24 20.27
C ASP C 68 -4.59 25.82 19.05
N ASP C 69 -3.92 26.78 18.43
CA ASP C 69 -3.22 26.54 17.18
C ASP C 69 -1.94 25.72 17.36
N ARG C 70 -1.42 25.69 18.57
CA ARG C 70 -0.22 24.93 18.83
C ARG C 70 -0.55 23.42 18.84
N LEU C 71 -1.82 23.10 19.01
CA LEU C 71 -2.27 21.73 18.83
C LEU C 71 -2.77 21.49 17.40
N LEU C 72 -3.61 22.38 16.89
CA LEU C 72 -4.29 22.14 15.62
C LEU C 72 -3.36 22.12 14.42
N ALA C 73 -2.35 22.99 14.40
CA ALA C 73 -1.46 23.08 13.25
C ALA C 73 -0.69 21.76 13.04
N PRO C 74 -0.10 21.18 14.11
CA PRO C 74 0.49 19.86 13.88
C PRO C 74 -0.53 18.77 13.56
N VAL C 75 -1.68 18.77 14.25
CA VAL C 75 -2.74 17.79 14.00
C VAL C 75 -3.15 17.84 12.53
N ARG C 76 -3.32 19.05 12.02
CA ARG C 76 -3.74 19.22 10.65
C ARG C 76 -2.71 18.63 9.69
N ASP C 77 -1.42 18.71 10.05
CA ASP C 77 -0.35 18.23 9.16
C ASP C 77 -0.26 16.72 9.08
N VAL C 78 -0.96 16.03 9.98
CA VAL C 78 -0.93 14.57 9.95
C VAL C 78 -2.29 13.96 9.64
N VAL C 79 -3.36 14.74 9.81
CA VAL C 79 -4.69 14.26 9.40
C VAL C 79 -5.03 14.67 7.97
N ASN C 80 -4.77 15.94 7.64
CA ASN C 80 -5.08 16.47 6.33
C ASN C 80 -6.49 16.14 5.83
N GLN C 81 -7.48 16.38 6.68
CA GLN C 81 -8.88 16.27 6.31
C GLN C 81 -9.60 17.43 6.97
N PRO C 82 -10.84 17.75 6.54
CA PRO C 82 -11.70 18.59 7.38
C PRO C 82 -11.76 18.01 8.80
N LEU C 83 -11.34 18.80 9.78
CA LEU C 83 -11.06 18.33 11.12
C LEU C 83 -12.22 18.45 12.13
N ARG C 84 -12.26 17.53 13.08
CA ARG C 84 -13.27 17.53 14.11
C ARG C 84 -12.67 17.08 15.44
N LEU C 85 -12.99 17.82 16.51
CA LEU C 85 -12.60 17.42 17.84
C LEU C 85 -13.44 16.21 18.22
N LEU C 86 -12.76 15.08 18.44
CA LEU C 86 -13.41 13.81 18.70
C LEU C 86 -13.45 13.46 20.19
N GLU C 87 -12.50 14.02 20.93
CA GLU C 87 -12.20 13.63 22.30
C GLU C 87 -11.48 14.74 23.05
N GLY C 88 -11.84 14.95 24.31
CA GLY C 88 -11.11 15.88 25.16
C GLY C 88 -11.26 15.50 26.64
N TYR C 89 -10.22 14.95 27.23
CA TYR C 89 -10.27 14.48 28.61
C TYR C 89 -8.97 14.73 29.34
N GLY C 90 -9.05 14.71 30.66
CA GLY C 90 -7.87 14.79 31.51
C GLY C 90 -7.60 13.44 32.14
N LEU C 91 -6.35 13.24 32.56
CA LEU C 91 -5.94 12.00 33.19
C LEU C 91 -5.09 12.28 34.42
N ARG C 92 -5.45 11.68 35.54
CA ARG C 92 -4.59 11.72 36.71
C ARG C 92 -4.16 10.31 36.98
N ARG C 93 -2.84 10.14 37.16
CA ARG C 93 -2.29 8.84 37.52
C ARG C 93 -1.57 8.95 38.86
N THR C 94 -1.87 8.02 39.77
CA THR C 94 -1.20 7.96 41.06
C THR C 94 -0.41 6.65 41.17
N LYS C 95 0.23 6.44 42.33
CA LYS C 95 1.03 5.23 42.53
C LYS C 95 0.20 3.95 42.28
N ASP C 96 0.87 2.94 41.71
CA ASP C 96 0.29 1.65 41.32
C ASP C 96 -0.66 1.74 40.11
N SER C 97 -0.79 2.90 39.50
CA SER C 97 -1.63 2.97 38.30
C SER C 97 -0.84 2.46 37.10
N VAL C 98 -1.54 1.84 36.15
CA VAL C 98 -0.88 1.30 34.98
C VAL C 98 -1.81 1.47 33.77
N LEU C 99 -1.25 1.47 32.56
CA LEU C 99 -2.06 1.52 31.34
C LEU C 99 -1.54 0.54 30.31
N TYR C 100 -2.27 -0.55 30.13
CA TYR C 100 -1.86 -1.66 29.28
C TYR C 100 -1.89 -1.31 27.80
N LEU C 101 -1.21 -2.14 27.01
CA LEU C 101 -1.04 -1.88 25.58
C LEU C 101 -2.38 -1.94 24.88
N HIS C 102 -2.64 -0.92 24.07
CA HIS C 102 -3.80 -0.91 23.19
C HIS C 102 -3.36 -0.26 21.89
N GLY C 103 -4.23 -0.28 20.88
CA GLY C 103 -3.88 0.20 19.55
C GLY C 103 -3.23 -0.92 18.76
N GLY C 104 -2.47 -0.57 17.72
CA GLY C 104 -1.87 -1.57 16.86
C GLY C 104 -2.59 -1.72 15.53
N ASN C 105 -1.83 -1.62 14.43
CA ASN C 105 -2.40 -1.57 13.08
C ASN C 105 -3.11 -2.86 12.63
N SER C 106 -2.58 -4.02 12.99
CA SER C 106 -3.19 -5.24 12.50
C SER C 106 -3.76 -6.16 13.58
N GLU C 107 -4.10 -5.64 14.76
CA GLU C 107 -4.73 -6.46 15.80
C GLU C 107 -6.08 -6.99 15.34
N LEU C 108 -6.44 -8.19 15.79
CA LEU C 108 -7.64 -8.87 15.31
C LEU C 108 -8.90 -8.51 16.07
N LEU C 109 -10.04 -8.64 15.41
CA LEU C 109 -11.33 -8.48 16.05
C LEU C 109 -12.31 -9.52 15.52
N ASP C 110 -13.00 -10.20 16.41
CA ASP C 110 -14.04 -11.15 16.01
C ASP C 110 -15.39 -10.46 15.85
N LEU C 111 -15.96 -10.50 14.64
CA LEU C 111 -17.29 -9.95 14.39
C LEU C 111 -18.36 -11.05 14.48
N ARG C 114 -16.84 -13.90 11.63
CA ARG C 114 -15.57 -13.71 10.93
C ARG C 114 -14.56 -12.91 11.77
N GLN C 115 -13.30 -13.02 11.40
CA GLN C 115 -12.20 -12.38 12.10
C GLN C 115 -11.55 -11.30 11.21
N VAL C 116 -11.46 -10.05 11.68
CA VAL C 116 -10.96 -8.99 10.80
C VAL C 116 -9.73 -8.34 11.42
N GLY C 117 -8.81 -7.90 10.56
CA GLY C 117 -7.49 -7.50 11.00
C GLY C 117 -7.16 -6.07 10.60
N ARG C 118 -8.20 -5.32 10.27
CA ARG C 118 -8.09 -3.89 9.99
C ARG C 118 -9.15 -3.16 10.80
N ASP C 119 -8.74 -2.07 11.43
CA ASP C 119 -9.65 -1.12 12.08
C ASP C 119 -9.61 0.17 11.28
N LEU C 120 -10.69 0.46 10.56
CA LEU C 120 -10.68 1.61 9.66
C LEU C 120 -10.66 2.96 10.39
N SER C 121 -10.89 2.98 11.70
CA SER C 121 -10.77 4.24 12.43
C SER C 121 -9.31 4.67 12.66
N ILE C 122 -8.35 3.75 12.50
CA ILE C 122 -6.94 4.11 12.65
C ILE C 122 -6.11 3.81 11.41
N THR C 123 -6.77 3.31 10.36
CA THR C 123 -6.05 2.90 9.16
C THR C 123 -5.65 4.15 8.37
N HIS C 124 -4.35 4.39 8.37
CA HIS C 124 -3.76 5.61 7.85
C HIS C 124 -3.03 5.34 6.54
N THR C 125 -2.77 6.41 5.77
CA THR C 125 -2.09 6.26 4.49
C THR C 125 -1.25 7.50 4.16
N TYR C 126 -0.71 7.53 2.95
CA TYR C 126 0.12 8.63 2.52
C TYR C 126 -0.13 8.84 1.03
N HIS C 127 -0.15 10.08 0.60
CA HIS C 127 -0.44 10.37 -0.80
C HIS C 127 0.07 11.75 -1.16
N ASP C 128 0.90 11.80 -2.21
CA ASP C 128 1.40 13.04 -2.80
C ASP C 128 1.89 14.07 -1.75
N GLY C 129 2.88 13.68 -0.96
CA GLY C 129 3.50 14.56 0.01
C GLY C 129 2.74 14.77 1.32
N LYS C 130 1.63 14.07 1.52
CA LYS C 130 0.85 14.25 2.74
C LYS C 130 0.48 12.95 3.45
N LEU C 131 0.62 12.96 4.78
CA LEU C 131 0.11 11.89 5.60
C LEU C 131 -1.40 12.01 5.74
N TYR C 132 -2.08 10.87 5.85
CA TYR C 132 -3.51 10.84 6.12
C TYR C 132 -3.84 9.91 7.28
N CYS C 133 -3.77 10.43 8.49
CA CYS C 133 -4.08 9.63 9.66
C CYS C 133 -5.44 10.06 10.21
N PRO C 134 -6.42 9.14 10.15
CA PRO C 134 -7.80 9.44 10.54
C PRO C 134 -8.02 9.69 12.04
N TYR C 135 -7.14 9.18 12.90
CA TYR C 135 -7.33 9.38 14.33
C TYR C 135 -6.00 9.65 15.02
N VAL C 136 -5.80 10.90 15.43
CA VAL C 136 -4.57 11.27 16.13
C VAL C 136 -4.90 11.99 17.42
N LYS C 137 -3.97 11.94 18.35
CA LYS C 137 -4.22 12.43 19.68
C LYS C 137 -3.09 13.39 20.06
N ALA C 138 -3.45 14.57 20.55
CA ALA C 138 -2.44 15.46 21.10
C ALA C 138 -2.47 15.32 22.64
N LEU C 139 -1.39 14.80 23.21
CA LEU C 139 -1.27 14.64 24.66
C LEU C 139 -0.50 15.80 25.26
N VAL C 140 -1.13 16.60 26.10
CA VAL C 140 -0.44 17.73 26.71
C VAL C 140 -0.05 17.36 28.12
N TYR C 141 1.25 17.15 28.35
CA TYR C 141 1.74 16.71 29.66
C TYR C 141 1.87 17.88 30.61
N LEU C 142 1.40 17.66 31.85
CA LEU C 142 1.40 18.70 32.87
C LEU C 142 2.38 18.34 33.98
N SER C 143 3.06 17.20 33.80
CA SER C 143 4.09 16.74 34.73
C SER C 143 5.31 16.22 33.99
N ASP C 144 6.47 16.31 34.65
CA ASP C 144 7.69 15.66 34.19
C ASP C 144 7.61 14.15 34.38
N ILE C 145 7.91 13.40 33.32
CA ILE C 145 8.05 11.96 33.41
C ILE C 145 9.41 11.60 32.83
N GLN C 146 10.37 11.35 33.70
CA GLN C 146 11.76 11.19 33.27
C GLN C 146 12.33 9.81 33.57
N SER C 147 11.50 8.88 34.04
CA SER C 147 11.96 7.51 34.24
C SER C 147 10.79 6.54 34.11
N PRO C 148 11.09 5.28 33.78
CA PRO C 148 10.05 4.26 33.63
C PRO C 148 9.17 4.13 34.87
N GLU C 149 9.75 4.28 36.06
CA GLU C 149 9.02 4.08 37.31
C GLU C 149 7.97 5.16 37.53
N ASP C 150 8.10 6.27 36.80
CA ASP C 150 7.13 7.36 36.89
C ASP C 150 5.91 7.07 36.01
N GLY C 151 5.89 5.90 35.38
CA GLY C 151 4.82 5.53 34.47
C GLY C 151 5.01 6.20 33.12
N SER C 152 6.13 5.94 32.46
CA SER C 152 6.40 6.58 31.19
C SER C 152 5.59 5.93 30.05
N PHE C 153 5.10 6.79 29.15
CA PHE C 153 4.57 6.37 27.86
C PHE C 153 5.51 5.34 27.20
N CYS C 154 4.95 4.23 26.74
CA CYS C 154 5.75 3.24 26.02
C CYS C 154 5.00 2.73 24.77
N TYR C 155 5.75 2.30 23.76
CA TYR C 155 5.18 1.99 22.46
C TYR C 155 5.98 0.85 21.80
N VAL C 156 5.28 0.03 21.02
CA VAL C 156 5.93 -1.03 20.28
C VAL C 156 6.39 -0.46 18.96
N GLN C 157 7.70 -0.43 18.72
CA GLN C 157 8.26 0.22 17.53
C GLN C 157 7.65 -0.28 16.25
N GLY C 158 7.32 0.67 15.37
CA GLY C 158 6.75 0.36 14.07
C GLY C 158 5.38 -0.28 14.11
N SER C 159 4.76 -0.35 15.29
CA SER C 159 3.47 -1.03 15.41
C SER C 159 2.31 -0.30 14.76
N HIS C 160 2.51 0.97 14.41
CA HIS C 160 1.51 1.72 13.67
C HIS C 160 1.39 1.26 12.20
N LYS C 161 2.38 0.51 11.71
CA LYS C 161 2.34 -0.02 10.35
C LYS C 161 2.50 -1.55 10.32
N ALA C 162 2.30 -2.20 11.46
CA ALA C 162 2.40 -3.66 11.54
C ALA C 162 1.41 -4.32 10.61
N ASN C 163 1.84 -5.39 9.96
CA ASN C 163 0.94 -6.21 9.15
C ASN C 163 0.53 -7.48 9.86
N PHE C 164 1.24 -7.84 10.92
CA PHE C 164 0.90 -9.00 11.71
C PHE C 164 0.27 -8.59 13.04
N PRO C 165 -0.63 -9.42 13.58
CA PRO C 165 -1.17 -9.20 14.92
C PRO C 165 -0.18 -9.68 15.99
N LEU C 166 -0.04 -8.90 17.07
CA LEU C 166 0.84 -9.31 18.15
C LEU C 166 0.09 -9.98 19.32
N LEU C 167 -1.11 -9.50 19.63
CA LEU C 167 -1.74 -9.86 20.90
C LEU C 167 -2.53 -11.16 20.90
N ARG C 168 -3.04 -11.57 19.74
CA ARG C 168 -3.93 -12.71 19.68
C ARG C 168 -3.21 -13.99 20.11
N GLU C 169 -1.94 -14.12 19.70
CA GLU C 169 -1.15 -15.31 20.03
C GLU C 169 -0.82 -15.36 21.54
N ARG C 170 -0.61 -14.19 22.14
CA ARG C 170 -0.33 -14.12 23.57
C ARG C 170 -1.57 -14.53 24.37
N ALA C 171 -2.72 -13.97 24.01
CA ALA C 171 -3.96 -14.33 24.70
C ALA C 171 -4.30 -15.82 24.57
N GLU C 172 -4.19 -16.37 23.36
CA GLU C 172 -4.58 -17.74 23.11
C GLU C 172 -3.65 -18.77 23.76
N ARG C 173 -2.44 -18.33 24.12
CA ARG C 173 -1.45 -19.22 24.75
C ARG C 173 -1.48 -19.12 26.29
N GLY C 174 -2.38 -18.30 26.81
CA GLY C 174 -2.56 -18.23 28.25
C GLY C 174 -1.76 -17.16 28.96
N GLU C 175 -1.11 -16.26 28.22
CA GLU C 175 -0.45 -15.12 28.83
C GLU C 175 -1.44 -14.25 29.62
N ASN C 176 -1.01 -13.78 30.79
CA ASN C 176 -1.88 -13.01 31.66
C ASN C 176 -1.11 -11.85 32.27
N THR C 177 0.04 -11.57 31.66
CA THR C 177 0.90 -10.46 32.07
C THR C 177 1.14 -9.48 30.93
N SER C 178 0.98 -8.19 31.22
CA SER C 178 1.18 -7.16 30.21
C SER C 178 2.64 -6.99 29.88
N LEU C 179 2.92 -6.81 28.58
CA LEU C 179 4.27 -6.50 28.10
C LEU C 179 4.86 -5.32 28.82
N VAL C 180 4.00 -4.42 29.26
CA VAL C 180 4.40 -3.22 29.94
C VAL C 180 5.16 -3.57 31.22
N ASP C 181 4.76 -4.64 31.89
CA ASP C 181 5.46 -5.08 33.11
C ASP C 181 6.61 -6.04 32.81
N SER C 182 6.44 -6.89 31.79
CA SER C 182 7.40 -7.94 31.45
C SER C 182 8.49 -7.47 30.55
N GLY C 183 8.16 -6.48 29.71
CA GLY C 183 9.09 -5.96 28.75
C GLY C 183 8.89 -6.64 27.41
N PHE C 184 9.50 -6.08 26.38
CA PHE C 184 9.39 -6.62 25.05
C PHE C 184 10.53 -5.99 24.31
N PRO C 185 11.22 -6.77 23.45
CA PRO C 185 12.43 -6.26 22.79
C PRO C 185 12.22 -4.92 22.07
N THR C 186 11.07 -4.74 21.41
CA THR C 186 10.81 -3.50 20.69
C THR C 186 9.84 -2.52 21.40
N LEU C 187 9.51 -2.81 22.66
CA LEU C 187 8.77 -1.90 23.51
C LEU C 187 9.69 -0.85 24.15
N SER C 188 9.50 0.42 23.80
CA SER C 188 10.40 1.49 24.24
C SER C 188 9.67 2.57 25.04
N ASP C 189 10.43 3.32 25.86
CA ASP C 189 9.88 4.36 26.71
C ASP C 189 10.10 5.76 26.14
N VAL C 190 9.13 6.63 26.40
CA VAL C 190 9.24 8.03 25.98
C VAL C 190 9.18 8.93 27.21
N PHE C 191 10.16 9.81 27.33
CA PHE C 191 10.27 10.72 28.47
C PHE C 191 9.89 12.11 28.04
N VAL C 192 9.14 12.80 28.89
CA VAL C 192 8.60 14.12 28.56
C VAL C 192 8.77 15.14 29.68
N ARG C 193 8.80 16.41 29.30
CA ARG C 193 8.79 17.51 30.24
C ARG C 193 7.40 18.11 30.30
N SER C 194 7.07 18.69 31.45
CA SER C 194 5.85 19.43 31.64
C SER C 194 5.75 20.52 30.57
N GLY C 195 4.67 20.53 29.79
CA GLY C 195 4.57 21.51 28.73
C GLY C 195 4.81 20.91 27.35
N ASP C 196 5.38 19.71 27.31
CA ASP C 196 5.58 18.99 26.06
C ASP C 196 4.25 18.50 25.51
N VAL C 197 4.13 18.48 24.18
CA VAL C 197 3.03 17.84 23.52
C VAL C 197 3.52 16.53 22.88
N LEU C 198 2.87 15.42 23.19
CA LEU C 198 3.12 14.18 22.48
C LEU C 198 2.00 14.04 21.48
N LEU C 199 2.35 14.12 20.19
CA LEU C 199 1.42 13.92 19.08
C LEU C 199 1.44 12.48 18.61
N LEU C 200 0.28 11.84 18.52
CA LEU C 200 0.23 10.40 18.48
C LEU C 200 -0.72 9.87 17.40
N ASN C 201 -0.19 9.06 16.51
CA ASN C 201 -0.98 8.26 15.59
C ASN C 201 -1.61 7.10 16.36
N GLU C 202 -2.93 7.10 16.50
CA GLU C 202 -3.62 6.08 17.31
C GLU C 202 -3.50 4.67 16.73
N ALA C 203 -2.95 4.53 15.53
CA ALA C 203 -2.60 3.20 15.00
C ALA C 203 -1.45 2.59 15.80
N LEU C 204 -0.66 3.43 16.47
CA LEU C 204 0.47 2.93 17.24
C LEU C 204 0.03 2.10 18.45
N MET C 205 0.65 0.93 18.65
CA MET C 205 0.38 0.14 19.86
C MET C 205 1.19 0.74 21.01
N HIS C 206 0.48 1.18 22.04
CA HIS C 206 1.12 1.98 23.09
C HIS C 206 0.43 1.77 24.44
N GLY C 207 1.06 2.29 25.50
CA GLY C 207 0.52 2.22 26.85
C GLY C 207 1.43 3.05 27.75
N THR C 208 1.39 2.81 29.05
CA THR C 208 2.42 3.36 29.91
C THR C 208 2.94 2.26 30.84
N ARG C 209 4.13 2.48 31.38
CA ARG C 209 4.63 1.63 32.45
C ARG C 209 3.79 1.83 33.72
N ARG C 210 3.83 0.84 34.60
CA ARG C 210 3.25 0.98 35.92
C ARG C 210 3.98 2.07 36.70
N LYS C 211 3.24 3.01 37.26
CA LYS C 211 3.83 4.06 38.07
C LYS C 211 4.15 3.52 39.48
N LEU C 212 5.43 3.51 39.84
CA LEU C 212 5.85 2.95 41.12
C LEU C 212 6.23 4.02 42.14
N THR C 213 6.30 5.28 41.72
CA THR C 213 6.70 6.37 42.59
C THR C 213 5.50 7.14 43.14
N GLU C 214 5.74 7.91 44.20
CA GLU C 214 4.75 8.87 44.70
C GLU C 214 4.79 10.13 43.84
N GLY C 215 3.94 11.09 44.18
CA GLY C 215 3.76 12.27 43.36
C GLY C 215 2.68 11.96 42.34
N ASP C 216 2.11 12.98 41.73
CA ASP C 216 1.04 12.73 40.79
C ASP C 216 1.38 13.20 39.39
N ARG C 217 0.82 12.48 38.43
CA ARG C 217 1.17 12.60 37.02
C ARG C 217 -0.10 13.04 36.29
N LEU C 218 -0.03 14.19 35.63
CA LEU C 218 -1.22 14.77 35.00
C LEU C 218 -1.01 15.02 33.51
N LEU C 219 -2.08 14.91 32.73
CA LEU C 219 -2.04 15.32 31.34
C LEU C 219 -3.44 15.60 30.83
N THR C 220 -3.53 16.28 29.70
CA THR C 220 -4.81 16.46 29.02
C THR C 220 -4.70 15.97 27.57
N ALA C 221 -5.69 15.21 27.13
CA ALA C 221 -5.63 14.58 25.84
C ALA C 221 -6.71 15.12 24.92
N PHE C 222 -6.33 15.48 23.70
CA PHE C 222 -7.29 15.90 22.71
C PHE C 222 -7.15 15.03 21.45
N GLY C 223 -8.26 14.41 21.07
CA GLY C 223 -8.27 13.51 19.93
C GLY C 223 -8.99 14.18 18.79
N TYR C 224 -8.43 14.02 17.60
CA TYR C 224 -8.97 14.64 16.41
C TYR C 224 -9.05 13.64 15.27
N GLY C 225 -9.97 13.91 14.37
CA GLY C 225 -10.20 13.06 13.23
C GLY C 225 -11.03 13.84 12.25
N PRO C 226 -11.39 13.20 11.14
CA PRO C 226 -12.21 13.86 10.13
C PRO C 226 -13.62 14.19 10.64
N THR C 227 -14.27 15.12 9.97
CA THR C 227 -15.62 15.55 10.35
C THR C 227 -16.67 14.45 10.21
N PHE C 228 -16.38 13.39 9.46
CA PHE C 228 -17.34 12.29 9.33
C PHE C 228 -17.14 11.17 10.35
N PHE C 229 -16.10 11.27 11.20
CA PHE C 229 -15.98 10.44 12.39
C PHE C 229 -16.91 10.95 13.50
N THR C 230 -17.53 10.05 14.26
CA THR C 230 -18.30 10.43 15.45
C THR C 230 -17.39 10.73 16.65
N GLU C 231 -17.86 11.54 17.60
CA GLU C 231 -17.10 11.74 18.84
C GLU C 231 -16.88 10.41 19.52
N TRP C 232 -15.79 10.26 20.27
CA TRP C 232 -15.47 8.94 20.79
C TRP C 232 -16.54 8.43 21.74
N ARG C 233 -16.79 7.14 21.61
CA ARG C 233 -17.67 6.41 22.52
C ARG C 233 -17.39 4.94 22.35
N GLU C 234 -17.14 4.25 23.46
CA GLU C 234 -16.87 2.82 23.41
C GLU C 234 -18.09 2.07 22.91
N LEU C 235 -17.88 1.18 21.96
CA LEU C 235 -18.94 0.29 21.48
C LEU C 235 -18.47 -1.15 21.60
N ASP C 236 -19.33 -2.01 22.13
CA ASP C 236 -18.93 -3.39 22.35
C ASP C 236 -19.10 -4.18 21.07
N ALA C 237 -20.17 -3.88 20.35
CA ALA C 237 -20.44 -4.52 19.06
C ALA C 237 -21.44 -3.68 18.31
N GLU C 238 -21.69 -4.03 17.05
CA GLU C 238 -22.69 -3.33 16.26
C GLU C 238 -24.10 -3.60 16.81
N THR C 239 -24.93 -2.57 16.89
CA THR C 239 -26.27 -2.73 17.47
C THR C 239 -27.23 -3.55 16.58
N ALA C 240 -28.32 -4.02 17.18
CA ALA C 240 -29.27 -4.90 16.51
C ALA C 240 -29.86 -4.28 15.23
N ASP C 241 -30.17 -2.99 15.29
CA ASP C 241 -30.81 -2.29 14.18
C ASP C 241 -29.84 -1.49 13.31
N LEU C 242 -28.55 -1.76 13.43
CA LEU C 242 -27.50 -1.02 12.70
C LEU C 242 -27.59 0.49 12.88
N ARG C 243 -28.05 0.93 14.04
CA ARG C 243 -28.28 2.36 14.22
C ARG C 243 -27.30 2.95 15.22
N GLY C 244 -26.64 2.07 15.97
CA GLY C 244 -25.74 2.52 17.01
C GLY C 244 -24.41 3.01 16.49
N ALA C 245 -23.93 4.08 17.13
CA ALA C 245 -22.65 4.70 16.80
C ALA C 245 -21.62 4.37 17.85
N GLY C 246 -20.36 4.27 17.44
CA GLY C 246 -19.28 4.03 18.37
C GLY C 246 -18.07 3.36 17.76
N TYR C 247 -17.08 3.10 18.60
CA TYR C 247 -15.82 2.51 18.22
C TYR C 247 -15.63 1.16 18.88
N VAL C 248 -15.57 0.09 18.09
CA VAL C 248 -15.26 -1.24 18.63
C VAL C 248 -13.76 -1.49 18.55
N ASP C 249 -13.10 -1.61 19.71
CA ASP C 249 -11.66 -1.84 19.68
C ASP C 249 -11.38 -3.27 19.23
N HIS C 250 -10.17 -3.50 18.75
CA HIS C 250 -9.74 -4.85 18.48
C HIS C 250 -9.06 -5.35 19.75
N ASP C 251 -8.33 -6.46 19.65
CA ASP C 251 -7.60 -7.01 20.78
C ASP C 251 -6.73 -5.97 21.48
N VAL C 252 -6.95 -5.83 22.78
CA VAL C 252 -6.08 -5.03 23.65
C VAL C 252 -5.68 -5.89 24.86
N GLU C 253 -4.61 -5.50 25.57
CA GLU C 253 -4.13 -6.32 26.66
C GLU C 253 -5.15 -6.45 27.81
N GLU C 254 -5.95 -5.41 28.02
CA GLU C 254 -7.00 -5.45 29.04
C GLU C 254 -7.94 -6.64 28.87
N ASP C 255 -8.09 -7.13 27.65
CA ASP C 255 -9.00 -8.25 27.38
C ASP C 255 -8.63 -9.52 28.14
N PHE C 256 -7.35 -9.69 28.47
CA PHE C 256 -6.88 -10.98 29.00
C PHE C 256 -5.85 -10.88 30.12
N VAL C 257 -5.45 -9.68 30.47
CA VAL C 257 -4.45 -9.48 31.51
C VAL C 257 -5.07 -9.19 32.88
N ALA D 3 5.61 13.57 -24.04
CA ALA D 3 5.36 12.82 -22.80
C ALA D 3 3.87 12.58 -22.61
N LEU D 4 3.53 11.50 -21.92
CA LEU D 4 2.12 11.14 -21.70
C LEU D 4 1.37 12.30 -21.05
N THR D 5 0.13 12.51 -21.45
CA THR D 5 -0.65 13.60 -20.87
C THR D 5 -1.20 13.11 -19.56
N ARG D 6 -1.75 14.04 -18.78
CA ARG D 6 -2.47 13.71 -17.55
C ARG D 6 -3.55 12.67 -17.77
N GLU D 7 -4.35 12.86 -18.82
CA GLU D 7 -5.42 11.92 -19.14
C GLU D 7 -4.87 10.53 -19.44
N GLN D 8 -3.77 10.49 -20.19
CA GLN D 8 -3.17 9.23 -20.60
C GLN D 8 -2.59 8.49 -19.40
N LEU D 9 -1.98 9.25 -18.48
CA LEU D 9 -1.48 8.68 -17.25
C LEU D 9 -2.61 8.13 -16.41
N TYR D 10 -3.67 8.91 -16.25
CA TYR D 10 -4.88 8.45 -15.58
C TYR D 10 -5.41 7.14 -16.20
N ILE D 11 -5.45 7.08 -17.52
CA ILE D 11 -6.01 5.90 -18.18
C ILE D 11 -5.10 4.67 -17.98
N PHE D 12 -3.79 4.84 -18.13
CA PHE D 12 -2.87 3.74 -17.90
C PHE D 12 -2.92 3.24 -16.45
N ASP D 13 -2.96 4.16 -15.51
CA ASP D 13 -3.06 3.81 -14.10
C ASP D 13 -4.36 3.07 -13.79
N THR D 14 -5.48 3.55 -14.32
CA THR D 14 -6.77 2.97 -13.97
C THR D 14 -7.08 1.68 -14.73
N THR D 15 -6.54 1.53 -15.93
CA THR D 15 -6.88 0.37 -16.75
C THR D 15 -5.75 -0.65 -16.90
N GLY D 16 -4.53 -0.25 -16.60
CA GLY D 16 -3.38 -1.11 -16.80
C GLY D 16 -2.76 -1.08 -18.21
N PHE D 17 -3.28 -0.23 -19.09
CA PHE D 17 -2.71 -0.14 -20.42
C PHE D 17 -3.15 1.16 -21.11
N LEU D 18 -2.54 1.41 -22.26
CA LEU D 18 -2.87 2.59 -23.04
C LEU D 18 -2.62 2.32 -24.52
N VAL D 19 -3.63 2.58 -25.34
CA VAL D 19 -3.41 2.60 -26.79
C VAL D 19 -3.01 3.99 -27.24
N ILE D 20 -1.86 4.08 -27.88
CA ILE D 20 -1.40 5.33 -28.48
C ILE D 20 -1.51 5.24 -29.99
N PRO D 21 -2.56 5.87 -30.57
CA PRO D 21 -2.90 5.69 -31.99
C PRO D 21 -1.90 6.31 -32.95
N GLY D 22 -1.65 5.63 -34.06
CA GLY D 22 -0.88 6.18 -35.17
C GLY D 22 0.52 6.67 -34.84
N VAL D 23 1.24 5.89 -34.05
CA VAL D 23 2.57 6.29 -33.65
C VAL D 23 3.55 6.20 -34.82
N PHE D 24 3.40 5.16 -35.62
CA PHE D 24 4.26 4.96 -36.77
C PHE D 24 3.46 5.09 -38.04
N GLY D 25 4.08 5.73 -39.03
CA GLY D 25 3.44 5.95 -40.31
C GLY D 25 3.35 4.68 -41.13
N SER D 26 2.50 4.69 -42.15
CA SER D 26 2.26 3.53 -43.00
C SER D 26 3.53 3.03 -43.72
N GLY D 27 4.43 3.95 -44.08
CA GLY D 27 5.71 3.58 -44.66
C GLY D 27 6.67 2.94 -43.65
N GLU D 28 6.62 3.42 -42.40
CA GLU D 28 7.43 2.83 -41.34
C GLU D 28 6.94 1.44 -40.99
N VAL D 29 5.63 1.27 -40.91
CA VAL D 29 5.03 -0.03 -40.70
C VAL D 29 5.43 -1.00 -41.81
N GLU D 30 5.20 -0.62 -43.07
CA GLU D 30 5.59 -1.47 -44.19
C GLU D 30 7.05 -1.86 -44.11
N SER D 31 7.93 -0.94 -43.75
CA SER D 31 9.34 -1.29 -43.63
C SER D 31 9.57 -2.24 -42.41
N PHE D 32 8.78 -2.12 -41.34
CA PHE D 32 8.92 -3.13 -40.28
C PHE D 32 8.40 -4.47 -40.81
N ARG D 33 7.30 -4.43 -41.54
CA ARG D 33 6.70 -5.63 -42.13
C ARG D 33 7.67 -6.32 -43.07
N SER D 34 8.30 -5.52 -43.93
CA SER D 34 9.26 -6.02 -44.91
C SER D 34 10.42 -6.75 -44.22
N GLU D 35 11.00 -6.11 -43.20
CA GLU D 35 12.08 -6.71 -42.43
C GLU D 35 11.67 -8.04 -41.76
N LEU D 36 10.43 -8.11 -41.31
CA LEU D 36 9.93 -9.33 -40.70
C LEU D 36 9.78 -10.47 -41.73
N GLU D 37 9.63 -10.10 -42.99
CA GLU D 37 9.49 -11.08 -44.05
C GLU D 37 10.76 -11.89 -44.29
N ARG D 38 11.91 -11.40 -43.81
CA ARG D 38 13.18 -12.06 -44.11
C ARG D 38 13.91 -12.60 -42.89
N LEU D 39 13.40 -12.32 -41.70
CA LEU D 39 14.07 -12.80 -40.49
C LEU D 39 13.61 -14.20 -40.14
N ASP D 40 14.38 -14.87 -39.29
CA ASP D 40 14.09 -16.23 -38.92
C ASP D 40 13.11 -16.28 -37.76
N THR D 41 12.22 -17.26 -37.78
CA THR D 41 11.29 -17.47 -36.68
C THR D 41 11.61 -18.78 -36.00
N VAL D 42 11.10 -18.93 -34.78
CA VAL D 42 11.13 -20.19 -34.07
C VAL D 42 9.69 -20.60 -33.79
N ASP D 43 9.48 -21.88 -33.53
CA ASP D 43 8.19 -22.38 -33.05
C ASP D 43 8.13 -22.21 -31.53
N PRO D 44 7.19 -21.40 -31.04
CA PRO D 44 7.12 -21.06 -29.61
C PRO D 44 6.27 -22.01 -28.75
N GLY D 45 5.60 -22.98 -29.36
CA GLY D 45 4.76 -23.88 -28.59
C GLY D 45 3.27 -23.63 -28.74
N PHE D 46 2.89 -22.44 -29.20
CA PHE D 46 1.51 -22.15 -29.58
C PHE D 46 1.30 -22.48 -31.06
N PRO D 47 0.20 -23.16 -31.40
CA PRO D 47 -0.08 -23.47 -32.81
C PRO D 47 -0.37 -22.23 -33.67
N ARG D 48 -0.03 -22.32 -34.95
CA ARG D 48 -0.28 -21.27 -35.94
C ARG D 48 0.28 -19.92 -35.47
N THR D 49 1.42 -20.00 -34.80
CA THR D 49 2.12 -18.83 -34.27
C THR D 49 3.59 -19.01 -34.57
N ARG D 50 4.22 -17.98 -35.15
CA ARG D 50 5.67 -17.97 -35.25
C ARG D 50 6.19 -16.82 -34.41
N ARG D 51 7.31 -17.03 -33.73
CA ARG D 51 7.92 -15.99 -32.88
C ARG D 51 9.24 -15.53 -33.49
N TYR D 52 9.47 -14.22 -33.53
CA TYR D 52 10.79 -13.71 -33.92
C TYR D 52 11.55 -13.41 -32.66
N PRO D 53 12.51 -14.26 -32.31
CA PRO D 53 13.15 -14.02 -31.01
C PRO D 53 14.22 -12.95 -31.14
N ASP D 54 14.42 -12.19 -30.09
CA ASP D 54 15.47 -11.18 -30.04
C ASP D 54 15.59 -10.37 -31.33
N LEU D 55 14.54 -9.64 -31.67
CA LEU D 55 14.55 -8.75 -32.82
C LEU D 55 15.62 -7.66 -32.80
N PRO D 56 15.98 -7.12 -31.63
CA PRO D 56 17.03 -6.11 -31.72
C PRO D 56 18.37 -6.69 -32.18
N ALA D 57 18.62 -7.95 -31.84
CA ALA D 57 19.88 -8.61 -32.20
C ALA D 57 19.90 -9.00 -33.68
N ALA D 58 18.75 -9.42 -34.19
CA ALA D 58 18.69 -9.96 -35.55
C ALA D 58 18.58 -8.88 -36.63
N SER D 59 18.32 -7.65 -36.22
CA SER D 59 18.00 -6.60 -37.19
C SER D 59 18.29 -5.21 -36.68
N PRO D 60 19.05 -4.43 -37.46
CA PRO D 60 19.34 -3.02 -37.11
C PRO D 60 18.06 -2.17 -37.09
N VAL D 61 17.12 -2.52 -37.94
CA VAL D 61 15.82 -1.87 -37.99
C VAL D 61 15.13 -1.89 -36.63
N PHE D 62 15.10 -3.06 -36.02
CA PHE D 62 14.37 -3.22 -34.77
C PHE D 62 15.24 -2.85 -33.55
N ALA D 63 16.56 -2.89 -33.71
CA ALA D 63 17.48 -2.36 -32.71
C ALA D 63 17.18 -0.89 -32.48
N ARG D 64 16.95 -0.15 -33.57
CA ARG D 64 16.62 1.27 -33.46
C ARG D 64 15.20 1.49 -32.94
N LEU D 65 14.25 0.68 -33.40
CA LEU D 65 12.86 0.80 -32.95
C LEU D 65 12.78 0.66 -31.42
N ALA D 66 13.53 -0.30 -30.88
CA ALA D 66 13.59 -0.57 -29.46
C ALA D 66 14.11 0.63 -28.67
N LEU D 67 14.77 1.56 -29.36
CA LEU D 67 15.36 2.72 -28.70
C LEU D 67 14.72 4.03 -29.16
N ASP D 68 13.74 3.88 -30.04
CA ASP D 68 12.97 5.01 -30.56
C ASP D 68 12.25 5.75 -29.41
N ASP D 69 12.41 7.08 -29.38
CA ASP D 69 11.82 7.88 -28.32
C ASP D 69 10.29 7.83 -28.32
N ARG D 70 9.69 7.44 -29.44
CA ARG D 70 8.24 7.31 -29.49
C ARG D 70 7.75 6.16 -28.61
N LEU D 71 8.67 5.25 -28.28
CA LEU D 71 8.41 4.15 -27.37
C LEU D 71 8.98 4.45 -25.99
N LEU D 72 10.17 5.06 -25.95
CA LEU D 72 10.87 5.27 -24.68
C LEU D 72 10.23 6.35 -23.82
N ALA D 73 9.73 7.42 -24.41
CA ALA D 73 9.13 8.47 -23.62
C ALA D 73 7.88 7.98 -22.85
N PRO D 74 6.93 7.31 -23.53
CA PRO D 74 5.81 6.79 -22.73
C PRO D 74 6.25 5.75 -21.68
N VAL D 75 7.14 4.83 -22.06
CA VAL D 75 7.65 3.83 -21.14
C VAL D 75 8.29 4.48 -19.91
N ARG D 76 9.16 5.47 -20.11
CA ARG D 76 9.78 6.14 -18.97
C ARG D 76 8.76 6.71 -18.00
N ASP D 77 7.65 7.21 -18.52
CA ASP D 77 6.62 7.84 -17.67
C ASP D 77 5.81 6.85 -16.83
N VAL D 78 5.94 5.55 -17.12
CA VAL D 78 5.25 4.55 -16.32
C VAL D 78 6.21 3.62 -15.57
N VAL D 79 7.49 3.64 -15.90
CA VAL D 79 8.45 2.84 -15.13
C VAL D 79 9.14 3.73 -14.11
N ASN D 80 9.58 4.92 -14.55
CA ASN D 80 10.25 5.87 -13.68
C ASN D 80 11.36 5.25 -12.82
N GLN D 81 12.17 4.41 -13.46
CA GLN D 81 13.39 3.85 -12.90
C GLN D 81 14.47 3.90 -13.98
N PRO D 82 15.75 3.87 -13.60
CA PRO D 82 16.82 3.65 -14.58
C PRO D 82 16.43 2.48 -15.48
N LEU D 83 16.42 2.72 -16.78
CA LEU D 83 15.73 1.85 -17.69
C LEU D 83 16.66 0.81 -18.33
N ARG D 84 16.13 -0.39 -18.57
CA ARG D 84 16.82 -1.42 -19.33
C ARG D 84 15.85 -2.11 -20.30
N LEU D 85 16.32 -2.47 -21.48
CA LEU D 85 15.53 -3.24 -22.43
C LEU D 85 15.64 -4.71 -22.05
N LEU D 86 14.50 -5.36 -21.81
CA LEU D 86 14.53 -6.71 -21.24
C LEU D 86 14.23 -7.76 -22.29
N GLU D 87 13.55 -7.35 -23.36
CA GLU D 87 13.25 -8.26 -24.46
C GLU D 87 12.73 -7.45 -25.64
N GLY D 88 12.86 -8.03 -26.83
CA GLY D 88 12.32 -7.46 -28.05
C GLY D 88 12.03 -8.63 -28.98
N TYR D 89 10.77 -8.78 -29.37
CA TYR D 89 10.44 -9.93 -30.20
C TYR D 89 9.27 -9.65 -31.12
N GLY D 90 9.10 -10.51 -32.10
CA GLY D 90 8.01 -10.38 -33.06
C GLY D 90 7.10 -11.59 -33.00
N LEU D 91 5.84 -11.41 -33.36
CA LEU D 91 4.91 -12.53 -33.41
C LEU D 91 4.13 -12.52 -34.74
N ARG D 92 4.07 -13.67 -35.39
CA ARG D 92 3.27 -13.79 -36.61
C ARG D 92 2.25 -14.91 -36.41
N ARG D 93 0.98 -14.62 -36.68
CA ARG D 93 -0.09 -15.58 -36.41
C ARG D 93 -1.04 -15.76 -37.59
N THR D 94 -1.47 -16.99 -37.80
CA THR D 94 -2.46 -17.27 -38.83
C THR D 94 -3.76 -17.79 -38.23
N LYS D 95 -4.70 -18.10 -39.12
CA LYS D 95 -5.99 -18.72 -38.82
C LYS D 95 -5.91 -19.75 -37.71
N ASP D 96 -6.84 -19.64 -36.75
CA ASP D 96 -7.00 -20.61 -35.65
C ASP D 96 -5.80 -20.59 -34.70
N SER D 97 -5.25 -19.41 -34.44
CA SER D 97 -4.28 -19.29 -33.35
C SER D 97 -4.95 -18.55 -32.21
N VAL D 98 -4.41 -18.71 -31.00
CA VAL D 98 -5.01 -18.11 -29.81
C VAL D 98 -3.94 -17.84 -28.75
N LEU D 99 -4.17 -16.84 -27.89
CA LEU D 99 -3.27 -16.64 -26.76
C LEU D 99 -4.08 -16.59 -25.48
N TYR D 100 -3.92 -17.62 -24.66
CA TYR D 100 -4.67 -17.73 -23.42
C TYR D 100 -4.19 -16.73 -22.36
N LEU D 101 -5.05 -16.47 -21.38
CA LEU D 101 -4.81 -15.41 -20.40
C LEU D 101 -3.55 -15.67 -19.61
N HIS D 102 -2.74 -14.63 -19.44
CA HIS D 102 -1.58 -14.72 -18.56
C HIS D 102 -1.44 -13.39 -17.81
N GLY D 103 -0.56 -13.36 -16.83
CA GLY D 103 -0.39 -12.21 -15.98
C GLY D 103 -1.47 -12.15 -14.91
N GLY D 104 -1.70 -10.96 -14.36
CA GLY D 104 -2.67 -10.83 -13.30
C GLY D 104 -1.98 -10.64 -11.96
N ASN D 105 -2.37 -9.60 -11.23
CA ASN D 105 -1.62 -9.13 -10.07
C ASN D 105 -1.57 -10.12 -8.88
N SER D 106 -2.62 -10.90 -8.65
CA SER D 106 -2.63 -11.73 -7.46
C SER D 106 -2.72 -13.25 -7.70
N GLU D 107 -2.38 -13.69 -8.91
CA GLU D 107 -2.36 -15.12 -9.22
C GLU D 107 -1.35 -15.87 -8.35
N LEU D 108 -1.66 -17.13 -8.02
CA LEU D 108 -0.84 -17.93 -7.10
C LEU D 108 0.29 -18.68 -7.79
N LEU D 109 1.35 -18.94 -7.02
CA LEU D 109 2.46 -19.77 -7.43
C LEU D 109 2.84 -20.66 -6.26
N ASP D 110 2.90 -21.97 -6.48
CA ASP D 110 3.31 -22.86 -5.40
C ASP D 110 4.83 -23.00 -5.39
N LEU D 111 5.42 -22.88 -4.21
CA LEU D 111 6.85 -23.15 -4.07
C LEU D 111 7.06 -24.50 -3.38
N ASP D 113 5.96 -26.51 -1.32
CA ASP D 113 6.00 -26.12 0.08
C ASP D 113 5.01 -24.99 0.37
N ARG D 114 5.41 -23.75 0.08
CA ARG D 114 4.57 -22.60 0.36
C ARG D 114 3.89 -22.02 -0.90
N GLN D 115 2.83 -21.27 -0.67
CA GLN D 115 2.03 -20.68 -1.75
C GLN D 115 2.14 -19.17 -1.70
N VAL D 116 2.53 -18.55 -2.80
CA VAL D 116 2.71 -17.10 -2.82
C VAL D 116 1.77 -16.44 -3.82
N GLY D 117 1.31 -15.23 -3.51
CA GLY D 117 0.34 -14.53 -4.33
C GLY D 117 0.81 -13.15 -4.77
N ARG D 118 2.10 -12.90 -4.68
CA ARG D 118 2.72 -11.72 -5.26
C ARG D 118 3.84 -12.15 -6.22
N ASP D 119 3.89 -11.52 -7.38
CA ASP D 119 5.00 -11.66 -8.31
C ASP D 119 5.68 -10.30 -8.37
N LEU D 120 6.84 -10.18 -7.74
CA LEU D 120 7.50 -8.89 -7.61
C LEU D 120 8.06 -8.34 -8.94
N SER D 121 8.09 -9.16 -9.99
CA SER D 121 8.49 -8.68 -11.31
C SER D 121 7.42 -7.79 -11.98
N ILE D 122 6.18 -7.86 -11.52
CA ILE D 122 5.10 -7.05 -12.08
C ILE D 122 4.37 -6.25 -11.02
N THR D 123 4.83 -6.34 -9.77
CA THR D 123 4.21 -5.61 -8.66
C THR D 123 4.56 -4.12 -8.70
N HIS D 124 3.54 -3.31 -8.94
CA HIS D 124 3.73 -1.91 -9.26
C HIS D 124 3.15 -1.03 -8.17
N THR D 125 3.60 0.21 -8.12
CA THR D 125 3.13 1.10 -7.08
C THR D 125 3.03 2.53 -7.63
N TYR D 126 2.71 3.46 -6.75
CA TYR D 126 2.57 4.87 -7.09
C TYR D 126 3.14 5.67 -5.95
N HIS D 127 3.73 6.82 -6.26
CA HIS D 127 4.34 7.64 -5.22
C HIS D 127 4.66 9.05 -5.73
N ASP D 128 4.14 10.05 -5.02
CA ASP D 128 4.38 11.46 -5.32
C ASP D 128 4.32 11.80 -6.81
N GLY D 129 3.16 11.56 -7.40
CA GLY D 129 2.88 12.00 -8.75
C GLY D 129 3.42 11.11 -9.85
N LYS D 130 4.04 9.98 -9.49
CA LYS D 130 4.59 9.08 -10.50
C LYS D 130 4.17 7.61 -10.34
N LEU D 131 3.93 6.95 -11.46
CA LEU D 131 3.75 5.51 -11.50
C LEU D 131 5.11 4.82 -11.45
N TYR D 132 5.14 3.65 -10.81
CA TYR D 132 6.33 2.83 -10.74
C TYR D 132 5.98 1.40 -11.09
N CYS D 133 5.93 1.10 -12.39
CA CYS D 133 5.66 -0.26 -12.85
C CYS D 133 6.93 -0.88 -13.34
N PRO D 134 7.37 -1.97 -12.71
CA PRO D 134 8.69 -2.52 -13.05
C PRO D 134 8.75 -3.30 -14.36
N TYR D 135 7.63 -3.79 -14.87
CA TYR D 135 7.67 -4.50 -16.14
C TYR D 135 6.58 -4.02 -17.09
N VAL D 136 6.97 -3.27 -18.11
CA VAL D 136 6.00 -2.83 -19.10
C VAL D 136 6.41 -3.27 -20.50
N LYS D 137 5.43 -3.33 -21.40
CA LYS D 137 5.66 -3.73 -22.77
C LYS D 137 5.08 -2.71 -23.71
N ALA D 138 5.86 -2.34 -24.72
CA ALA D 138 5.32 -1.55 -25.81
C ALA D 138 5.03 -2.48 -26.99
N LEU D 139 3.75 -2.63 -27.33
CA LEU D 139 3.33 -3.55 -28.39
C LEU D 139 3.07 -2.76 -29.69
N VAL D 140 3.96 -2.92 -30.67
CA VAL D 140 3.80 -2.20 -31.92
C VAL D 140 3.08 -3.09 -32.92
N TYR D 141 1.81 -2.77 -33.18
CA TYR D 141 0.99 -3.53 -34.11
C TYR D 141 1.26 -3.16 -35.56
N LEU D 142 1.46 -4.19 -36.37
CA LEU D 142 1.81 -4.03 -37.76
C LEU D 142 0.65 -4.44 -38.63
N SER D 143 -0.48 -4.79 -38.02
CA SER D 143 -1.66 -5.17 -38.79
C SER D 143 -2.92 -4.68 -38.11
N ASP D 144 -3.97 -4.46 -38.90
CA ASP D 144 -5.29 -4.05 -38.39
C ASP D 144 -5.97 -5.20 -37.65
N ILE D 145 -6.46 -4.90 -36.46
CA ILE D 145 -7.23 -5.85 -35.66
C ILE D 145 -8.48 -5.14 -35.19
N GLN D 146 -9.60 -5.36 -35.88
CA GLN D 146 -10.77 -4.51 -35.68
C GLN D 146 -11.98 -5.29 -35.21
N SER D 147 -11.86 -6.61 -35.19
CA SER D 147 -12.95 -7.44 -34.70
C SER D 147 -12.36 -8.55 -33.85
N PRO D 148 -13.13 -9.08 -32.89
CA PRO D 148 -12.62 -10.18 -32.06
C PRO D 148 -12.08 -11.37 -32.89
N GLU D 149 -12.68 -11.63 -34.06
CA GLU D 149 -12.29 -12.78 -34.86
C GLU D 149 -10.93 -12.60 -35.53
N ASP D 150 -10.35 -11.41 -35.37
CA ASP D 150 -9.00 -11.10 -35.82
C ASP D 150 -7.95 -11.51 -34.80
N GLY D 151 -8.42 -11.99 -33.65
CA GLY D 151 -7.55 -12.34 -32.55
C GLY D 151 -7.22 -11.11 -31.73
N SER D 152 -8.26 -10.36 -31.35
CA SER D 152 -8.06 -9.11 -30.66
C SER D 152 -7.51 -9.30 -29.25
N PHE D 153 -6.50 -8.50 -28.89
CA PHE D 153 -6.07 -8.33 -27.51
C PHE D 153 -7.28 -8.26 -26.59
N CYS D 154 -7.28 -9.06 -25.53
CA CYS D 154 -8.33 -8.92 -24.53
C CYS D 154 -7.73 -8.94 -23.13
N TYR D 155 -8.46 -8.39 -22.16
CA TYR D 155 -7.94 -8.24 -20.82
C TYR D 155 -9.07 -8.30 -19.78
N VAL D 156 -8.74 -8.78 -18.59
CA VAL D 156 -9.67 -8.70 -17.46
C VAL D 156 -9.56 -7.33 -16.78
N GLN D 157 -10.66 -6.57 -16.73
CA GLN D 157 -10.62 -5.22 -16.18
C GLN D 157 -10.12 -5.20 -14.76
N GLY D 158 -9.25 -4.25 -14.47
CA GLY D 158 -8.72 -4.06 -13.13
C GLY D 158 -7.83 -5.18 -12.63
N SER D 159 -7.47 -6.10 -13.51
CA SER D 159 -6.71 -7.28 -13.07
C SER D 159 -5.27 -6.93 -12.67
N HIS D 160 -4.78 -5.78 -13.11
CA HIS D 160 -3.44 -5.33 -12.73
C HIS D 160 -3.38 -4.87 -11.28
N LYS D 161 -4.54 -4.59 -10.66
CA LYS D 161 -4.54 -4.26 -9.23
C LYS D 161 -5.36 -5.25 -8.39
N ALA D 162 -5.72 -6.40 -8.97
CA ALA D 162 -6.51 -7.40 -8.27
C ALA D 162 -5.82 -7.87 -7.00
N ASN D 163 -6.61 -8.06 -5.95
CA ASN D 163 -6.10 -8.56 -4.67
C ASN D 163 -6.42 -10.02 -4.46
N PHE D 164 -7.28 -10.56 -5.32
CA PHE D 164 -7.72 -11.96 -5.28
C PHE D 164 -7.22 -12.77 -6.49
N PRO D 165 -6.89 -14.05 -6.28
CA PRO D 165 -6.49 -14.86 -7.43
C PRO D 165 -7.71 -15.28 -8.23
N LEU D 166 -7.59 -15.33 -9.54
CA LEU D 166 -8.73 -15.72 -10.36
C LEU D 166 -8.62 -17.16 -10.88
N LEU D 167 -7.43 -17.57 -11.29
CA LEU D 167 -7.32 -18.77 -12.10
C LEU D 167 -7.17 -20.07 -11.31
N ARG D 168 -6.69 -20.00 -10.07
CA ARG D 168 -6.53 -21.19 -9.23
C ARG D 168 -7.88 -21.85 -9.00
N GLU D 169 -8.88 -21.07 -8.62
CA GLU D 169 -10.22 -21.59 -8.41
C GLU D 169 -10.74 -22.29 -9.67
N ARG D 170 -10.49 -21.66 -10.82
CA ARG D 170 -10.92 -22.25 -12.09
C ARG D 170 -10.28 -23.62 -12.35
N ALA D 171 -8.96 -23.71 -12.18
CA ALA D 171 -8.29 -24.99 -12.36
C ALA D 171 -8.81 -26.04 -11.36
N GLU D 172 -9.10 -25.61 -10.14
CA GLU D 172 -9.57 -26.54 -9.10
C GLU D 172 -11.01 -27.00 -9.32
N ARG D 173 -11.81 -26.19 -9.99
CA ARG D 173 -13.20 -26.57 -10.25
C ARG D 173 -13.40 -27.19 -11.64
N GLY D 174 -12.30 -27.69 -12.21
CA GLY D 174 -12.36 -28.48 -13.43
C GLY D 174 -12.54 -27.75 -14.75
N GLU D 175 -12.22 -26.45 -14.78
CA GLU D 175 -12.34 -25.69 -16.03
C GLU D 175 -11.33 -26.20 -17.05
N ASN D 176 -11.79 -26.33 -18.29
CA ASN D 176 -11.03 -26.93 -19.39
C ASN D 176 -10.82 -25.97 -20.53
N THR D 177 -11.58 -24.88 -20.49
CA THR D 177 -11.62 -23.93 -21.58
C THR D 177 -11.18 -22.56 -21.08
N SER D 178 -10.64 -21.76 -21.98
CA SER D 178 -10.09 -20.46 -21.60
C SER D 178 -11.17 -19.42 -21.61
N LEU D 179 -11.06 -18.43 -20.74
CA LEU D 179 -12.00 -17.32 -20.75
C LEU D 179 -12.02 -16.56 -22.09
N VAL D 180 -10.93 -16.59 -22.87
CA VAL D 180 -10.95 -15.86 -24.15
C VAL D 180 -11.98 -16.48 -25.11
N ASP D 181 -12.17 -17.80 -25.01
CA ASP D 181 -13.24 -18.47 -25.74
C ASP D 181 -14.58 -18.42 -25.01
N SER D 182 -14.57 -18.74 -23.71
CA SER D 182 -15.79 -18.74 -22.89
C SER D 182 -16.50 -17.39 -22.82
N GLY D 183 -15.74 -16.34 -22.50
CA GLY D 183 -16.34 -15.06 -22.14
C GLY D 183 -16.23 -14.94 -20.63
N PHE D 184 -16.40 -13.73 -20.12
CA PHE D 184 -16.27 -13.44 -18.69
C PHE D 184 -16.77 -12.03 -18.58
N PRO D 185 -17.53 -11.74 -17.51
CA PRO D 185 -18.26 -10.45 -17.45
C PRO D 185 -17.34 -9.22 -17.53
N THR D 186 -16.08 -9.34 -17.12
CA THR D 186 -15.14 -8.22 -17.17
C THR D 186 -13.98 -8.46 -18.16
N LEU D 187 -14.08 -9.47 -19.00
CA LEU D 187 -13.15 -9.64 -20.12
C LEU D 187 -13.52 -8.74 -21.32
N SER D 188 -12.67 -7.76 -21.63
CA SER D 188 -12.95 -6.79 -22.70
C SER D 188 -11.91 -6.82 -23.82
N ASP D 189 -12.31 -6.32 -24.98
CA ASP D 189 -11.47 -6.34 -26.16
C ASP D 189 -10.83 -5.00 -26.47
N VAL D 190 -9.64 -5.03 -27.06
CA VAL D 190 -9.02 -3.82 -27.56
C VAL D 190 -8.77 -3.94 -29.04
N PHE D 191 -9.21 -2.93 -29.80
CA PHE D 191 -9.02 -2.91 -31.24
C PHE D 191 -7.98 -1.88 -31.60
N VAL D 192 -7.11 -2.26 -32.53
CA VAL D 192 -6.00 -1.42 -32.93
C VAL D 192 -5.81 -1.37 -34.44
N ARG D 193 -5.22 -0.27 -34.89
CA ARG D 193 -4.81 -0.11 -36.28
C ARG D 193 -3.33 -0.37 -36.43
N SER D 194 -2.91 -0.70 -37.63
CA SER D 194 -1.51 -0.80 -37.97
C SER D 194 -0.79 0.51 -37.61
N GLY D 195 0.31 0.39 -36.86
CA GLY D 195 1.04 1.57 -36.43
C GLY D 195 0.71 2.07 -35.04
N ASP D 196 -0.30 1.48 -34.42
CA ASP D 196 -0.68 1.81 -33.05
C ASP D 196 0.26 1.16 -32.06
N VAL D 197 0.54 1.86 -30.96
CA VAL D 197 1.29 1.25 -29.88
C VAL D 197 0.34 0.96 -28.72
N LEU D 198 0.41 -0.26 -28.18
CA LEU D 198 -0.26 -0.58 -26.93
C LEU D 198 0.79 -0.68 -25.80
N LEU D 199 0.79 0.30 -24.91
CA LEU D 199 1.64 0.32 -23.72
C LEU D 199 0.99 -0.51 -22.59
N LEU D 200 1.65 -1.57 -22.16
CA LEU D 200 1.04 -2.57 -21.28
C LEU D 200 1.76 -2.72 -19.93
N ASN D 201 1.01 -2.60 -18.83
CA ASN D 201 1.50 -3.01 -17.52
C ASN D 201 1.34 -4.53 -17.45
N GLU D 202 2.44 -5.23 -17.30
CA GLU D 202 2.43 -6.70 -17.35
C GLU D 202 1.75 -7.38 -16.13
N ALA D 203 1.37 -6.61 -15.12
CA ALA D 203 0.50 -7.11 -14.06
C ALA D 203 -0.93 -7.36 -14.59
N LEU D 204 -1.32 -6.68 -15.66
CA LEU D 204 -2.62 -6.90 -16.29
C LEU D 204 -2.79 -8.34 -16.77
N MET D 205 -3.91 -8.96 -16.44
CA MET D 205 -4.26 -10.28 -16.95
C MET D 205 -4.87 -10.10 -18.35
N HIS D 206 -4.23 -10.72 -19.34
CA HIS D 206 -4.53 -10.41 -20.73
C HIS D 206 -4.17 -11.56 -21.63
N GLY D 207 -4.72 -11.51 -22.85
CA GLY D 207 -4.39 -12.46 -23.90
C GLY D 207 -5.00 -11.97 -25.19
N THR D 208 -5.33 -12.89 -26.08
CA THR D 208 -6.11 -12.52 -27.26
C THR D 208 -7.17 -13.56 -27.55
N ARG D 209 -8.22 -13.11 -28.25
CA ARG D 209 -9.20 -14.01 -28.82
C ARG D 209 -8.57 -14.96 -29.82
N ARG D 210 -9.30 -16.02 -30.14
CA ARG D 210 -8.94 -16.92 -31.21
C ARG D 210 -9.09 -16.19 -32.55
N LYS D 211 -8.04 -16.21 -33.37
CA LYS D 211 -8.09 -15.63 -34.72
C LYS D 211 -8.80 -16.57 -35.70
N LEU D 212 -9.82 -16.08 -36.37
CA LEU D 212 -10.57 -16.91 -37.31
C LEU D 212 -10.50 -16.37 -38.74
N THR D 213 -10.00 -15.15 -38.89
CA THR D 213 -9.91 -14.49 -40.19
C THR D 213 -8.60 -14.85 -40.93
N GLU D 214 -8.62 -14.74 -42.25
CA GLU D 214 -7.41 -15.00 -43.03
C GLU D 214 -6.47 -13.81 -42.92
N GLY D 215 -5.26 -13.98 -43.43
CA GLY D 215 -4.29 -12.90 -43.37
C GLY D 215 -3.36 -13.16 -42.21
N ASP D 216 -2.29 -12.39 -42.11
CA ASP D 216 -1.30 -12.61 -41.06
C ASP D 216 -1.40 -11.53 -39.99
N ARG D 217 -1.51 -11.97 -38.75
CA ARG D 217 -1.55 -11.06 -37.62
C ARG D 217 -0.10 -10.83 -37.17
N LEU D 218 0.30 -9.57 -37.13
CA LEU D 218 1.72 -9.22 -36.97
C LEU D 218 1.98 -8.18 -35.91
N LEU D 219 2.95 -8.42 -35.04
CA LEU D 219 3.41 -7.35 -34.15
C LEU D 219 4.80 -7.60 -33.62
N THR D 220 5.41 -6.52 -33.13
CA THR D 220 6.69 -6.59 -32.46
C THR D 220 6.52 -6.05 -31.05
N ALA D 221 7.11 -6.73 -30.07
CA ALA D 221 6.91 -6.37 -28.68
C ALA D 221 8.23 -6.02 -28.02
N PHE D 222 8.25 -4.92 -27.28
CA PHE D 222 9.47 -4.55 -26.56
C PHE D 222 9.17 -4.37 -25.09
N GLY D 223 9.91 -5.09 -24.25
CA GLY D 223 9.69 -5.11 -22.82
C GLY D 223 10.78 -4.33 -22.12
N TYR D 224 10.38 -3.49 -21.17
CA TYR D 224 11.33 -2.68 -20.42
C TYR D 224 11.08 -2.85 -18.91
N GLY D 225 12.15 -2.61 -18.16
CA GLY D 225 12.15 -2.72 -16.71
C GLY D 225 13.36 -2.01 -16.15
N PRO D 226 13.53 -2.03 -14.81
CA PRO D 226 14.68 -1.35 -14.21
C PRO D 226 15.98 -2.05 -14.58
N THR D 227 17.10 -1.34 -14.40
CA THR D 227 18.41 -1.85 -14.78
C THR D 227 18.84 -3.08 -13.99
N PHE D 228 18.19 -3.35 -12.86
CA PHE D 228 18.59 -4.49 -12.05
C PHE D 228 17.74 -5.72 -12.37
N PHE D 229 16.75 -5.55 -13.25
CA PHE D 229 16.03 -6.70 -13.78
C PHE D 229 16.86 -7.40 -14.86
N THR D 230 16.85 -8.72 -14.82
CA THR D 230 17.56 -9.53 -15.80
C THR D 230 16.77 -9.56 -17.11
N GLU D 231 17.46 -9.78 -18.23
CA GLU D 231 16.78 -9.84 -19.52
C GLU D 231 15.78 -10.99 -19.50
N TRP D 232 14.64 -10.83 -20.16
CA TRP D 232 13.59 -11.80 -19.94
C TRP D 232 14.00 -13.18 -20.42
N ARG D 233 13.70 -14.15 -19.57
CA ARG D 233 13.92 -15.55 -19.84
C ARG D 233 13.07 -16.33 -18.85
N GLU D 234 12.27 -17.24 -19.39
CA GLU D 234 11.46 -18.11 -18.58
C GLU D 234 12.34 -18.97 -17.69
N LEU D 235 11.87 -19.20 -16.47
CA LEU D 235 12.53 -20.12 -15.57
C LEU D 235 11.46 -21.00 -14.95
N ASP D 236 11.71 -22.30 -14.94
CA ASP D 236 10.77 -23.26 -14.35
C ASP D 236 10.68 -23.12 -12.84
N ALA D 237 11.83 -22.98 -12.18
CA ALA D 237 11.89 -22.82 -10.73
C ALA D 237 13.27 -22.36 -10.31
N GLU D 238 13.41 -21.99 -9.04
CA GLU D 238 14.72 -21.61 -8.54
C GLU D 238 15.62 -22.84 -8.58
N THR D 239 16.91 -22.61 -8.80
CA THR D 239 17.89 -23.70 -8.89
C THR D 239 18.55 -24.01 -7.55
N ALA D 240 19.14 -25.19 -7.47
CA ALA D 240 19.67 -25.71 -6.20
C ALA D 240 20.87 -24.92 -5.69
N ASP D 241 21.55 -24.23 -6.58
CA ASP D 241 22.72 -23.45 -6.17
C ASP D 241 22.37 -21.96 -6.12
N LEU D 242 21.08 -21.66 -6.23
CA LEU D 242 20.53 -20.30 -6.20
C LEU D 242 21.22 -19.35 -7.20
N ARG D 243 21.68 -19.88 -8.32
CA ARG D 243 22.31 -19.03 -9.31
C ARG D 243 21.40 -18.91 -10.52
N GLY D 244 20.27 -19.61 -10.47
CA GLY D 244 19.31 -19.61 -11.56
C GLY D 244 18.69 -18.25 -11.77
N ALA D 245 18.75 -17.77 -13.01
CA ALA D 245 18.22 -16.46 -13.38
C ALA D 245 17.06 -16.58 -14.34
N GLY D 246 16.00 -15.82 -14.08
CA GLY D 246 14.87 -15.78 -14.96
C GLY D 246 13.59 -15.45 -14.24
N TYR D 247 12.48 -15.58 -14.96
CA TYR D 247 11.16 -15.23 -14.46
C TYR D 247 10.29 -16.48 -14.35
N VAL D 248 9.91 -16.82 -13.13
CA VAL D 248 9.00 -17.93 -12.89
C VAL D 248 7.57 -17.41 -12.91
N ASP D 249 6.76 -17.86 -13.85
CA ASP D 249 5.43 -17.31 -13.88
C ASP D 249 4.51 -17.96 -12.84
N HIS D 250 3.40 -17.29 -12.58
CA HIS D 250 2.38 -17.78 -11.69
C HIS D 250 1.34 -18.54 -12.50
N ASP D 251 0.17 -18.79 -11.92
CA ASP D 251 -0.89 -19.46 -12.65
C ASP D 251 -1.22 -18.73 -13.95
N VAL D 252 -1.30 -19.49 -15.04
CA VAL D 252 -1.72 -18.99 -16.32
C VAL D 252 -2.68 -20.01 -16.91
N GLU D 253 -3.58 -19.57 -17.79
CA GLU D 253 -4.60 -20.48 -18.31
C GLU D 253 -3.99 -21.67 -19.03
N GLU D 254 -2.82 -21.47 -19.64
CA GLU D 254 -2.12 -22.53 -20.34
C GLU D 254 -1.80 -23.74 -19.43
N ASP D 255 -1.83 -23.53 -18.12
CA ASP D 255 -1.52 -24.61 -17.19
C ASP D 255 -2.63 -25.67 -17.14
N PHE D 256 -3.84 -25.31 -17.56
CA PHE D 256 -4.96 -26.23 -17.39
C PHE D 256 -5.99 -26.20 -18.51
N VAL D 257 -5.89 -25.26 -19.43
CA VAL D 257 -6.92 -25.12 -20.46
C VAL D 257 -6.76 -26.15 -21.57
NI NI E . 24.30 -2.00 4.08
C1 AKG F . 26.89 -3.47 4.20
O1 AKG F . 26.20 -3.02 3.25
O2 AKG F . 27.94 -4.12 3.96
C2 AKG F . 26.48 -3.22 5.62
O5 AKG F . 25.37 -2.78 5.88
C3 AKG F . 27.46 -3.54 6.72
C4 AKG F . 26.75 -3.57 8.06
C5 AKG F . 27.79 -3.78 9.14
O3 AKG F . 27.42 -4.07 10.30
O4 AKG F . 29.03 -3.65 8.89
C TRS G . 24.75 7.79 -6.75
C1 TRS G . 25.48 9.13 -6.66
C2 TRS G . 23.41 8.00 -7.44
C3 TRS G . 24.58 7.25 -5.36
N TRS G . 25.59 6.85 -7.49
O1 TRS G . 24.56 10.16 -6.84
O2 TRS G . 23.53 9.00 -8.43
O3 TRS G . 25.86 7.00 -4.86
NI NI H . -23.63 7.98 -6.29
C1 AKG I . -26.41 8.11 -5.86
O1 AKG I . -25.45 8.62 -5.21
O2 AKG I . -27.58 8.17 -5.42
C2 AKG I . -26.17 7.40 -7.17
O5 AKG I . -25.05 7.03 -7.44
C3 AKG I . -27.34 7.18 -8.12
C4 AKG I . -27.10 5.98 -9.01
C5 AKG I . -28.23 5.79 -10.01
O3 AKG I . -28.29 4.76 -10.73
O4 AKG I . -29.11 6.69 -10.14
CS CS J . -18.13 20.84 -2.96
NI NI K . -3.83 5.59 24.16
C1 AKG L . -4.59 7.63 26.34
O1 AKG L . -5.24 8.29 27.20
O2 AKG L . -5.19 7.14 25.35
C2 AKG L . -3.10 7.41 26.50
O5 AKG L . -2.50 6.78 25.64
C3 AKG L . -2.39 7.96 27.73
C4 AKG L . -0.89 7.97 27.55
C5 AKG L . -0.20 8.45 28.81
O3 AKG L . 1.02 8.77 28.76
O4 AKG L . -0.84 8.51 29.91
CS CS M . -12.99 -5.60 22.91
NI NI N . 1.33 -10.89 -22.82
C1 AKG O . 2.37 -11.53 -25.33
O1 AKG O . 2.50 -12.05 -24.18
O2 AKG O . 3.25 -11.69 -26.22
C2 AKG O . 1.13 -10.75 -25.69
O5 AKG O . 0.48 -10.27 -24.77
C3 AKG O . 0.73 -10.58 -27.14
C4 AKG O . -0.42 -9.60 -27.28
C5 AKG O . -1.00 -9.69 -28.67
O3 AKG O . -1.83 -8.85 -29.08
O4 AKG O . -0.65 -10.62 -29.43
CS CS P . 4.22 -22.43 -14.60
#